data_5GQD
#
_entry.id   5GQD
#
_cell.length_a   78.186
_cell.length_b   94.045
_cell.length_c   140.078
_cell.angle_alpha   90.00
_cell.angle_beta   90.00
_cell.angle_gamma   90.00
#
_symmetry.space_group_name_H-M   'P 21 21 21'
#
loop_
_entity.id
_entity.type
_entity.pdbx_description
1 polymer Beta-xylanase
2 branched beta-D-xylopyranose-(1-4)-alpha-D-xylopyranose
3 non-polymer GLYCEROL
4 water water
#
_entity_poly.entity_id   1
_entity_poly.type   'polypeptide(L)'
_entity_poly.pdbx_seq_one_letter_code
;AESTLGAAAAQSGRYFGTAIASGKLGDSAYTTIASREFNMVTAENEMKIDATEPQRGQFNFSAGDRVYNWAVQNGKQVRG
HALAWHSQQPGWMQSLSGSTLRQAMIDHINGVMGHYKGKIAQWDVVSHAFSDDGSGGRRDSNLQRTGNDWIEVAFRTARA
ADPAAKLCYNDYNIENWTWAKTQGVYNMVRDFKQRGVPIDCVGFQSHFNSGSPYNSNFRTTLQNFAALGVDVAITELDIQ
GASSSTYAAVTNDCLAVSRCLGITVWGVRDTDSWRSGDTPLLFNGDGSKKAAYTAVLNALNGGSSTPPPSGGGQIKGVGS
GRCLDVPNASTTDGTQVQLYDCHSATNQQWTYTDAGELRVYGDKCLDAAGTGNGTKVQIYSCWGGDNQKWRLNSDGSIVG
VQSGLCLDAVGGGTANGTLIQLYSCSNGSNQRWTRT
;
_entity_poly.pdbx_strand_id   A,B
#
# COMPACT_ATOMS: atom_id res chain seq x y z
N ALA A 1 15.64 17.35 25.49
CA ALA A 1 15.67 17.08 24.02
C ALA A 1 14.26 16.77 23.54
N GLU A 2 14.01 16.99 22.26
CA GLU A 2 12.70 16.73 21.72
C GLU A 2 12.65 16.43 20.23
N SER A 3 13.73 15.89 19.68
CA SER A 3 13.78 15.56 18.26
C SER A 3 13.59 14.06 18.02
N THR A 4 13.62 13.28 19.10
CA THR A 4 13.43 11.84 19.01
C THR A 4 12.31 11.43 19.97
N LEU A 5 11.65 10.30 19.68
CA LEU A 5 10.54 9.83 20.51
C LEU A 5 10.88 9.60 21.98
N GLY A 6 11.93 8.82 22.22
CA GLY A 6 12.33 8.53 23.58
C GLY A 6 12.65 9.78 24.38
N ALA A 7 13.45 10.67 23.79
CA ALA A 7 13.83 11.91 24.47
C ALA A 7 12.60 12.78 24.73
N ALA A 8 11.67 12.78 23.79
CA ALA A 8 10.45 13.57 23.94
C ALA A 8 9.61 13.01 25.10
N ALA A 9 9.51 11.68 25.18
CA ALA A 9 8.74 11.05 26.25
C ALA A 9 9.40 11.31 27.61
N ALA A 10 10.74 11.33 27.62
CA ALA A 10 11.48 11.54 28.86
C ALA A 10 11.21 12.90 29.50
N GLN A 11 10.71 13.85 28.71
CA GLN A 11 10.42 15.18 29.25
C GLN A 11 9.36 15.11 30.33
N SER A 12 8.53 14.07 30.30
CA SER A 12 7.48 13.90 31.30
C SER A 12 7.75 12.67 32.15
N GLY A 13 8.99 12.20 32.13
CA GLY A 13 9.36 11.04 32.92
C GLY A 13 8.92 9.71 32.34
N ARG A 14 8.49 9.73 31.08
CA ARG A 14 8.03 8.52 30.42
C ARG A 14 9.06 8.00 29.43
N TYR A 15 8.76 6.85 28.85
CA TYR A 15 9.65 6.24 27.86
C TYR A 15 8.87 5.97 26.59
N PHE A 16 9.58 5.77 25.50
CA PHE A 16 8.93 5.38 24.26
C PHE A 16 9.81 4.24 23.78
N GLY A 17 9.24 3.05 23.76
CA GLY A 17 10.03 1.90 23.36
C GLY A 17 9.56 1.15 22.13
N THR A 18 10.25 0.06 21.85
CA THR A 18 9.93 -0.76 20.70
C THR A 18 10.26 -2.20 21.05
N ALA A 19 9.91 -3.09 20.13
CA ALA A 19 10.19 -4.51 20.28
C ALA A 19 11.41 -4.75 19.40
N ILE A 20 12.45 -5.35 19.97
CA ILE A 20 13.67 -5.61 19.23
C ILE A 20 13.80 -7.09 18.91
N ALA A 21 14.20 -7.38 17.67
CA ALA A 21 14.42 -8.75 17.21
C ALA A 21 15.93 -8.96 17.07
N SER A 22 16.47 -9.93 17.79
CA SER A 22 17.90 -10.21 17.75
C SER A 22 18.42 -10.45 16.34
N GLY A 23 17.59 -11.06 15.49
CA GLY A 23 17.99 -11.35 14.12
C GLY A 23 18.14 -10.13 13.23
N LYS A 24 17.70 -8.98 13.71
CA LYS A 24 17.78 -7.75 12.93
C LYS A 24 18.86 -6.80 13.43
N LEU A 25 19.56 -7.19 14.49
CA LEU A 25 20.60 -6.35 15.05
C LEU A 25 21.83 -6.21 14.16
N GLY A 26 21.87 -6.98 13.08
CA GLY A 26 22.98 -6.89 12.14
C GLY A 26 22.62 -5.98 10.99
N ASP A 27 21.40 -5.43 11.03
CA ASP A 27 20.90 -4.53 10.00
C ASP A 27 21.18 -3.10 10.45
N SER A 28 22.14 -2.45 9.80
CA SER A 28 22.52 -1.07 10.15
C SER A 28 21.36 -0.08 10.10
N ALA A 29 20.49 -0.22 9.10
CA ALA A 29 19.35 0.69 8.98
C ALA A 29 18.45 0.53 10.20
N TYR A 30 18.23 -0.73 10.57
CA TYR A 30 17.39 -1.08 11.71
C TYR A 30 17.93 -0.51 13.02
N THR A 31 19.19 -0.83 13.34
CA THR A 31 19.78 -0.35 14.58
C THR A 31 19.97 1.17 14.64
N THR A 32 20.19 1.81 13.50
CA THR A 32 20.36 3.25 13.48
C THR A 32 19.07 3.91 13.97
N ILE A 33 17.95 3.43 13.45
CA ILE A 33 16.64 3.96 13.85
C ILE A 33 16.32 3.60 15.30
N ALA A 34 16.45 2.32 15.63
CA ALA A 34 16.12 1.84 16.97
C ALA A 34 16.96 2.46 18.09
N SER A 35 18.27 2.59 17.88
CA SER A 35 19.11 3.16 18.92
C SER A 35 18.81 4.64 19.13
N ARG A 36 18.47 5.33 18.05
CA ARG A 36 18.19 6.76 18.08
C ARG A 36 16.83 7.18 18.67
N GLU A 37 15.79 6.44 18.30
CA GLU A 37 14.43 6.79 18.70
C GLU A 37 13.81 6.24 19.99
N PHE A 38 14.31 5.11 20.49
CA PHE A 38 13.69 4.50 21.67
C PHE A 38 14.58 4.40 22.90
N ASN A 39 13.98 4.56 24.08
CA ASN A 39 14.74 4.41 25.32
C ASN A 39 14.20 3.27 26.19
N MET A 40 13.40 2.39 25.58
CA MET A 40 12.86 1.21 26.26
C MET A 40 12.82 0.09 25.22
N VAL A 41 13.19 -1.11 25.64
CA VAL A 41 13.22 -2.25 24.74
C VAL A 41 12.55 -3.50 25.30
N THR A 42 11.82 -4.20 24.43
CA THR A 42 11.17 -5.46 24.80
C THR A 42 11.68 -6.45 23.75
N ALA A 43 12.14 -7.62 24.19
CA ALA A 43 12.61 -8.62 23.23
C ALA A 43 11.35 -9.14 22.55
N GLU A 44 11.31 -9.12 21.22
CA GLU A 44 10.13 -9.58 20.51
C GLU A 44 9.78 -11.04 20.78
N ASN A 45 10.78 -11.90 20.90
CA ASN A 45 10.55 -13.33 21.14
C ASN A 45 11.62 -14.00 22.02
N GLU A 46 12.78 -13.35 22.12
CA GLU A 46 13.92 -13.90 22.84
C GLU A 46 13.84 -14.20 24.33
N MET A 47 12.85 -13.67 25.02
CA MET A 47 12.73 -13.95 26.45
C MET A 47 11.50 -14.76 26.78
N LYS A 48 10.84 -15.30 25.75
CA LYS A 48 9.64 -16.10 25.94
C LYS A 48 10.04 -17.47 26.48
N ILE A 49 9.06 -18.28 26.86
CA ILE A 49 9.34 -19.57 27.44
C ILE A 49 10.16 -20.53 26.58
N ASP A 50 9.75 -20.73 25.33
CA ASP A 50 10.47 -21.64 24.46
C ASP A 50 11.88 -21.18 24.14
N ALA A 51 12.09 -19.86 24.09
CA ALA A 51 13.40 -19.30 23.80
C ALA A 51 14.37 -19.41 24.98
N THR A 52 13.85 -19.28 26.20
CA THR A 52 14.69 -19.33 27.39
C THR A 52 14.81 -20.71 28.05
N GLU A 53 13.85 -21.60 27.80
CA GLU A 53 13.91 -22.94 28.37
C GLU A 53 13.45 -23.94 27.32
N PRO A 54 14.28 -24.14 26.27
CA PRO A 54 13.99 -25.07 25.17
C PRO A 54 13.71 -26.51 25.63
N GLN A 55 14.39 -26.94 26.68
CA GLN A 55 14.20 -28.26 27.25
C GLN A 55 13.96 -28.08 28.74
N ARG A 56 13.10 -28.91 29.31
CA ARG A 56 12.77 -28.81 30.73
C ARG A 56 14.04 -28.75 31.58
N GLY A 57 14.21 -27.65 32.30
CA GLY A 57 15.37 -27.48 33.15
C GLY A 57 16.63 -27.01 32.44
N GLN A 58 16.55 -26.87 31.12
CA GLN A 58 17.69 -26.43 30.33
C GLN A 58 17.46 -25.01 29.81
N PHE A 59 18.04 -24.03 30.50
CA PHE A 59 17.89 -22.63 30.13
C PHE A 59 18.92 -22.17 29.12
N ASN A 60 18.53 -21.22 28.27
CA ASN A 60 19.41 -20.66 27.27
C ASN A 60 19.09 -19.17 27.12
N PHE A 61 20.09 -18.33 27.34
CA PHE A 61 19.89 -16.89 27.26
C PHE A 61 20.73 -16.21 26.19
N SER A 62 21.20 -16.98 25.21
CA SER A 62 22.03 -16.41 24.15
C SER A 62 21.29 -15.29 23.41
N ALA A 63 20.08 -15.57 22.96
CA ALA A 63 19.30 -14.57 22.24
C ALA A 63 18.77 -13.48 23.15
N GLY A 64 18.26 -13.88 24.32
CA GLY A 64 17.74 -12.92 25.27
C GLY A 64 18.81 -11.94 25.71
N ASP A 65 20.00 -12.45 26.00
CA ASP A 65 21.09 -11.60 26.44
C ASP A 65 21.58 -10.66 25.35
N ARG A 66 21.52 -11.08 24.09
CA ARG A 66 21.96 -10.19 23.02
C ARG A 66 21.02 -8.99 22.94
N VAL A 67 19.73 -9.22 23.10
CA VAL A 67 18.76 -8.13 23.06
C VAL A 67 18.96 -7.26 24.30
N TYR A 68 19.08 -7.90 25.45
CA TYR A 68 19.27 -7.16 26.70
C TYR A 68 20.54 -6.30 26.65
N ASN A 69 21.65 -6.89 26.22
CA ASN A 69 22.91 -6.16 26.16
C ASN A 69 22.84 -5.02 25.17
N TRP A 70 22.21 -5.25 24.02
CA TRP A 70 22.10 -4.19 23.03
C TRP A 70 21.32 -3.03 23.63
N ALA A 71 20.25 -3.36 24.35
CA ALA A 71 19.41 -2.33 24.97
C ALA A 71 20.16 -1.47 25.97
N VAL A 72 20.76 -2.11 26.98
CA VAL A 72 21.48 -1.35 27.99
C VAL A 72 22.68 -0.60 27.41
N GLN A 73 23.42 -1.23 26.51
CA GLN A 73 24.58 -0.58 25.91
C GLN A 73 24.18 0.65 25.08
N ASN A 74 22.94 0.69 24.64
CA ASN A 74 22.46 1.82 23.84
C ASN A 74 21.53 2.76 24.62
N GLY A 75 21.59 2.65 25.95
CA GLY A 75 20.79 3.53 26.80
C GLY A 75 19.30 3.26 26.94
N LYS A 76 18.88 2.02 26.85
CA LYS A 76 17.46 1.70 26.99
C LYS A 76 17.19 0.76 28.15
N GLN A 77 16.06 0.96 28.84
CA GLN A 77 15.67 0.06 29.90
C GLN A 77 15.06 -1.12 29.16
N VAL A 78 14.73 -2.18 29.89
CA VAL A 78 14.16 -3.37 29.27
C VAL A 78 12.91 -3.89 29.98
N ARG A 79 11.94 -4.35 29.18
CA ARG A 79 10.72 -4.95 29.72
C ARG A 79 10.88 -6.44 29.42
N GLY A 80 10.81 -7.28 30.45
CA GLY A 80 10.94 -8.71 30.23
C GLY A 80 9.59 -9.25 29.78
N HIS A 81 9.60 -10.10 28.76
CA HIS A 81 8.36 -10.65 28.20
C HIS A 81 8.62 -12.01 27.57
N ALA A 82 7.94 -13.09 27.99
CA ALA A 82 6.95 -13.11 29.07
C ALA A 82 7.24 -14.39 29.85
N LEU A 83 6.99 -14.38 31.15
CA LEU A 83 7.29 -15.53 32.00
C LEU A 83 6.32 -16.71 32.06
N ALA A 84 5.02 -16.45 32.10
CA ALA A 84 4.07 -17.55 32.18
C ALA A 84 2.78 -17.30 31.41
N TRP A 85 2.61 -18.01 30.30
CA TRP A 85 1.42 -17.88 29.48
C TRP A 85 1.26 -19.08 28.57
N HIS A 86 0.10 -19.16 27.91
CA HIS A 86 -0.23 -20.29 27.03
C HIS A 86 0.47 -20.32 25.68
N SER A 87 0.89 -19.17 25.19
CA SER A 87 1.51 -19.09 23.88
C SER A 87 3.02 -19.30 23.80
N GLN A 88 3.45 -19.87 22.68
CA GLN A 88 4.84 -20.13 22.41
C GLN A 88 5.57 -20.91 23.51
N GLN A 89 4.88 -21.89 24.10
CA GLN A 89 5.49 -22.72 25.12
C GLN A 89 6.27 -23.79 24.36
N PRO A 90 7.40 -24.25 24.94
CA PRO A 90 8.16 -25.29 24.24
C PRO A 90 7.36 -26.58 24.25
N GLY A 91 7.65 -27.48 23.32
CA GLY A 91 6.92 -28.74 23.25
C GLY A 91 6.75 -29.48 24.55
N TRP A 92 7.81 -29.57 25.35
CA TRP A 92 7.74 -30.29 26.61
C TRP A 92 6.74 -29.71 27.61
N MET A 93 6.59 -28.38 27.61
CA MET A 93 5.67 -27.75 28.55
C MET A 93 4.22 -27.91 28.11
N GLN A 94 3.99 -27.91 26.79
CA GLN A 94 2.64 -28.04 26.26
C GLN A 94 2.00 -29.36 26.68
N SER A 95 2.81 -30.40 26.80
CA SER A 95 2.32 -31.72 27.17
C SER A 95 2.09 -31.90 28.67
N LEU A 96 2.63 -30.99 29.47
CA LEU A 96 2.47 -31.08 30.93
C LEU A 96 1.09 -30.63 31.39
N SER A 97 0.74 -31.00 32.62
CA SER A 97 -0.55 -30.64 33.20
C SER A 97 -0.52 -30.88 34.71
N GLY A 98 -1.52 -30.35 35.40
CA GLY A 98 -1.61 -30.52 36.84
C GLY A 98 -0.47 -29.92 37.64
N SER A 99 -0.16 -30.54 38.78
CA SER A 99 0.90 -30.07 39.67
C SER A 99 2.27 -30.06 39.00
N THR A 100 2.48 -30.97 38.05
CA THR A 100 3.76 -31.04 37.35
C THR A 100 3.95 -29.76 36.54
N LEU A 101 2.89 -29.33 35.86
CA LEU A 101 2.94 -28.11 35.07
C LEU A 101 3.07 -26.90 35.98
N ARG A 102 2.35 -26.93 37.11
CA ARG A 102 2.41 -25.82 38.06
C ARG A 102 3.84 -25.65 38.56
N GLN A 103 4.52 -26.76 38.81
CA GLN A 103 5.89 -26.71 39.29
C GLN A 103 6.84 -26.22 38.18
N ALA A 104 6.58 -26.65 36.96
CA ALA A 104 7.40 -26.25 35.83
C ALA A 104 7.26 -24.75 35.58
N MET A 105 6.05 -24.25 35.81
CA MET A 105 5.77 -22.82 35.64
C MET A 105 6.61 -22.04 36.65
N ILE A 106 6.56 -22.48 37.90
CA ILE A 106 7.31 -21.84 38.98
C ILE A 106 8.82 -21.91 38.71
N ASP A 107 9.29 -23.07 38.25
CA ASP A 107 10.71 -23.23 37.96
C ASP A 107 11.17 -22.31 36.84
N HIS A 108 10.33 -22.16 35.82
CA HIS A 108 10.68 -21.30 34.69
C HIS A 108 10.80 -19.85 35.15
N ILE A 109 9.82 -19.39 35.92
CA ILE A 109 9.84 -18.03 36.44
C ILE A 109 11.11 -17.77 37.23
N ASN A 110 11.45 -18.68 38.14
CA ASN A 110 12.64 -18.52 38.96
C ASN A 110 13.93 -18.51 38.14
N GLY A 111 13.99 -19.38 37.13
CA GLY A 111 15.19 -19.44 36.31
C GLY A 111 15.43 -18.19 35.48
N VAL A 112 14.40 -17.73 34.79
CA VAL A 112 14.52 -16.55 33.94
C VAL A 112 14.75 -15.27 34.75
N MET A 113 13.88 -15.01 35.72
CA MET A 113 14.04 -13.81 36.54
C MET A 113 15.35 -13.83 37.30
N GLY A 114 15.79 -15.02 37.71
CA GLY A 114 17.04 -15.11 38.43
C GLY A 114 18.22 -14.69 37.57
N HIS A 115 18.17 -15.04 36.29
CA HIS A 115 19.23 -14.71 35.35
C HIS A 115 19.33 -13.21 35.12
N TYR A 116 18.18 -12.53 35.10
CA TYR A 116 18.11 -11.10 34.87
C TYR A 116 17.78 -10.31 36.14
N LYS A 117 17.97 -10.93 37.30
CA LYS A 117 17.65 -10.27 38.57
C LYS A 117 18.21 -8.86 38.74
N GLY A 118 17.32 -7.91 39.00
CA GLY A 118 17.71 -6.53 39.21
C GLY A 118 18.08 -5.72 37.98
N LYS A 119 17.89 -6.28 36.80
CA LYS A 119 18.25 -5.57 35.57
C LYS A 119 17.06 -5.27 34.68
N ILE A 120 15.86 -5.69 35.12
CA ILE A 120 14.65 -5.49 34.34
C ILE A 120 13.67 -4.51 34.98
N ALA A 121 13.28 -3.49 34.22
CA ALA A 121 12.36 -2.47 34.70
C ALA A 121 10.95 -3.03 34.95
N GLN A 122 10.45 -3.78 33.99
CA GLN A 122 9.12 -4.39 34.08
C GLN A 122 9.15 -5.80 33.53
N TRP A 123 8.37 -6.69 34.15
CA TRP A 123 8.26 -8.06 33.69
C TRP A 123 6.79 -8.37 33.42
N ASP A 124 6.49 -8.89 32.23
CA ASP A 124 5.12 -9.31 31.94
C ASP A 124 5.16 -10.72 32.53
N VAL A 125 4.69 -10.85 33.77
CA VAL A 125 4.70 -12.15 34.46
C VAL A 125 3.74 -13.14 33.81
N VAL A 126 2.52 -12.68 33.56
CA VAL A 126 1.49 -13.49 32.92
C VAL A 126 0.93 -12.65 31.79
N SER A 127 0.53 -13.28 30.70
CA SER A 127 0.00 -12.56 29.56
C SER A 127 -1.06 -13.38 28.83
N HIS A 128 -2.02 -12.69 28.21
CA HIS A 128 -3.07 -13.34 27.43
C HIS A 128 -3.82 -14.45 28.18
N ALA A 129 -4.18 -14.21 29.43
CA ALA A 129 -4.87 -15.23 30.22
C ALA A 129 -6.40 -15.19 30.14
N PHE A 130 -6.96 -14.18 29.50
CA PHE A 130 -8.41 -14.09 29.38
C PHE A 130 -8.95 -14.41 28.00
N SER A 131 -10.21 -14.85 27.96
CA SER A 131 -10.86 -15.25 26.71
C SER A 131 -11.51 -14.10 25.93
N ASP A 132 -11.76 -14.34 24.65
CA ASP A 132 -12.40 -13.37 23.77
C ASP A 132 -13.82 -13.81 23.45
N ASP A 133 -14.29 -14.88 24.09
CA ASP A 133 -15.63 -15.38 23.82
C ASP A 133 -16.73 -14.43 24.28
N GLY A 134 -16.35 -13.40 25.04
CA GLY A 134 -17.33 -12.43 25.50
C GLY A 134 -17.86 -12.67 26.90
N SER A 135 -17.32 -13.67 27.59
CA SER A 135 -17.76 -14.00 28.94
C SER A 135 -16.97 -13.23 29.99
N GLY A 136 -15.77 -12.78 29.61
CA GLY A 136 -14.93 -12.06 30.54
C GLY A 136 -14.23 -13.01 31.48
N GLY A 137 -14.22 -14.29 31.13
CA GLY A 137 -13.58 -15.31 31.95
C GLY A 137 -12.19 -15.67 31.47
N ARG A 138 -11.56 -16.61 32.16
CA ARG A 138 -10.20 -17.06 31.82
C ARG A 138 -10.16 -17.86 30.52
N ARG A 139 -8.99 -17.85 29.88
CA ARG A 139 -8.78 -18.60 28.65
C ARG A 139 -8.51 -20.04 29.05
N ASP A 140 -8.98 -20.99 28.25
CA ASP A 140 -8.75 -22.39 28.55
C ASP A 140 -7.39 -22.83 28.04
N SER A 141 -6.44 -22.98 28.95
CA SER A 141 -5.09 -23.40 28.61
C SER A 141 -4.63 -24.42 29.64
N ASN A 142 -3.51 -25.10 29.35
CA ASN A 142 -2.99 -26.09 30.27
C ASN A 142 -2.71 -25.43 31.62
N LEU A 143 -2.29 -24.18 31.58
CA LEU A 143 -1.98 -23.42 32.80
C LEU A 143 -3.25 -23.15 33.61
N GLN A 144 -4.32 -22.75 32.94
CA GLN A 144 -5.59 -22.47 33.62
C GLN A 144 -6.16 -23.74 34.20
N ARG A 145 -5.85 -24.87 33.57
CA ARG A 145 -6.33 -26.17 34.02
C ARG A 145 -5.67 -26.63 35.32
N THR A 146 -4.52 -26.04 35.65
CA THR A 146 -3.82 -26.40 36.88
C THR A 146 -4.51 -25.77 38.08
N GLY A 147 -5.39 -24.82 37.81
CA GLY A 147 -6.12 -24.14 38.87
C GLY A 147 -6.25 -22.66 38.58
N ASN A 148 -7.39 -22.08 38.96
CA ASN A 148 -7.65 -20.67 38.72
C ASN A 148 -6.65 -19.76 39.44
N ASP A 149 -5.93 -20.31 40.42
CA ASP A 149 -4.96 -19.54 41.18
C ASP A 149 -3.57 -19.48 40.55
N TRP A 150 -3.40 -20.05 39.37
CA TRP A 150 -2.08 -20.05 38.74
C TRP A 150 -1.49 -18.65 38.51
N ILE A 151 -2.34 -17.71 38.12
CA ILE A 151 -1.86 -16.34 37.88
C ILE A 151 -1.33 -15.74 39.18
N GLU A 152 -2.11 -15.84 40.25
CA GLU A 152 -1.70 -15.31 41.54
C GLU A 152 -0.39 -15.93 41.99
N VAL A 153 -0.26 -17.24 41.76
CA VAL A 153 0.95 -17.96 42.15
C VAL A 153 2.14 -17.45 41.34
N ALA A 154 1.93 -17.21 40.06
CA ALA A 154 2.99 -16.72 39.20
C ALA A 154 3.54 -15.38 39.73
N PHE A 155 2.63 -14.49 40.11
CA PHE A 155 3.03 -13.20 40.62
C PHE A 155 3.75 -13.29 41.97
N ARG A 156 3.25 -14.13 42.87
CA ARG A 156 3.91 -14.28 44.16
C ARG A 156 5.30 -14.85 43.93
N THR A 157 5.41 -15.79 42.99
CA THR A 157 6.69 -16.40 42.67
C THR A 157 7.64 -15.33 42.13
N ALA A 158 7.13 -14.52 41.21
CA ALA A 158 7.91 -13.46 40.59
C ALA A 158 8.45 -12.43 41.59
N ARG A 159 7.60 -11.99 42.51
CA ARG A 159 8.01 -11.00 43.50
C ARG A 159 9.21 -11.49 44.30
N ALA A 160 9.18 -12.75 44.69
CA ALA A 160 10.27 -13.33 45.47
C ALA A 160 11.54 -13.45 44.64
N ALA A 161 11.39 -13.84 43.39
CA ALA A 161 12.53 -14.01 42.49
C ALA A 161 13.30 -12.71 42.24
N ASP A 162 12.58 -11.61 42.05
CA ASP A 162 13.22 -10.32 41.82
C ASP A 162 12.34 -9.17 42.30
N PRO A 163 12.52 -8.75 43.56
CA PRO A 163 11.77 -7.64 44.18
C PRO A 163 11.96 -6.28 43.53
N ALA A 164 13.00 -6.11 42.73
CA ALA A 164 13.29 -4.83 42.09
C ALA A 164 12.52 -4.54 40.80
N ALA A 165 11.88 -5.55 40.25
CA ALA A 165 11.14 -5.37 39.00
C ALA A 165 9.65 -5.14 39.19
N LYS A 166 9.07 -4.27 38.37
CA LYS A 166 7.64 -4.04 38.43
C LYS A 166 7.01 -5.24 37.75
N LEU A 167 6.02 -5.84 38.40
CA LEU A 167 5.34 -7.01 37.86
C LEU A 167 4.04 -6.63 37.17
N CYS A 168 3.95 -6.92 35.88
CA CYS A 168 2.76 -6.59 35.12
C CYS A 168 1.95 -7.79 34.62
N TYR A 169 0.66 -7.55 34.43
CA TYR A 169 -0.22 -8.54 33.84
C TYR A 169 -0.49 -7.89 32.48
N ASN A 170 -0.22 -8.61 31.40
CA ASN A 170 -0.39 -8.06 30.05
C ASN A 170 -1.46 -8.81 29.26
N ASP A 171 -2.26 -8.08 28.48
CA ASP A 171 -3.28 -8.71 27.65
C ASP A 171 -3.73 -7.79 26.52
N TYR A 172 -4.52 -8.33 25.59
CA TYR A 172 -5.03 -7.56 24.47
C TYR A 172 -6.55 -7.57 24.52
N ASN A 173 -7.17 -6.68 23.74
CA ASN A 173 -8.62 -6.55 23.71
C ASN A 173 -9.17 -6.21 25.09
N ILE A 174 -8.37 -5.46 25.85
CA ILE A 174 -8.77 -5.01 27.18
C ILE A 174 -8.64 -3.50 27.22
N GLU A 175 -8.64 -2.89 26.04
CA GLU A 175 -8.49 -1.45 25.92
C GLU A 175 -9.85 -0.73 26.00
N ASN A 176 -10.86 -1.29 25.34
CA ASN A 176 -12.19 -0.69 25.36
C ASN A 176 -12.85 -1.03 26.70
N TRP A 177 -13.20 0.01 27.46
CA TRP A 177 -13.81 -0.18 28.77
C TRP A 177 -15.11 -0.98 28.81
N THR A 178 -15.89 -0.93 27.73
CA THR A 178 -17.17 -1.64 27.69
C THR A 178 -17.11 -3.13 27.40
N TRP A 179 -15.94 -3.62 27.00
CA TRP A 179 -15.80 -5.05 26.70
C TRP A 179 -15.72 -5.91 27.95
N ALA A 180 -16.34 -7.08 27.89
CA ALA A 180 -16.36 -8.01 29.02
C ALA A 180 -14.96 -8.44 29.43
N LYS A 181 -14.07 -8.62 28.45
CA LYS A 181 -12.71 -9.03 28.71
C LYS A 181 -12.00 -7.98 29.57
N THR A 182 -12.23 -6.71 29.24
CA THR A 182 -11.61 -5.62 29.99
C THR A 182 -12.07 -5.66 31.45
N GLN A 183 -13.36 -5.90 31.65
CA GLN A 183 -13.93 -5.97 33.00
C GLN A 183 -13.40 -7.17 33.78
N GLY A 184 -13.22 -8.29 33.10
CA GLY A 184 -12.70 -9.48 33.75
C GLY A 184 -11.31 -9.22 34.32
N VAL A 185 -10.46 -8.59 33.53
CA VAL A 185 -9.10 -8.29 33.98
C VAL A 185 -9.15 -7.26 35.11
N TYR A 186 -9.99 -6.25 34.96
CA TYR A 186 -10.14 -5.20 35.98
C TYR A 186 -10.50 -5.83 37.32
N ASN A 187 -11.51 -6.71 37.31
CA ASN A 187 -11.94 -7.36 38.54
C ASN A 187 -10.83 -8.20 39.17
N MET A 188 -10.04 -8.87 38.33
CA MET A 188 -8.94 -9.68 38.85
C MET A 188 -7.89 -8.81 39.52
N VAL A 189 -7.47 -7.74 38.84
CA VAL A 189 -6.47 -6.85 39.39
C VAL A 189 -6.98 -6.19 40.66
N ARG A 190 -8.26 -5.82 40.67
CA ARG A 190 -8.83 -5.19 41.84
C ARG A 190 -8.78 -6.20 42.99
N ASP A 191 -9.22 -7.43 42.73
CA ASP A 191 -9.19 -8.48 43.73
C ASP A 191 -7.76 -8.66 44.24
N PHE A 192 -6.82 -8.71 43.31
CA PHE A 192 -5.40 -8.86 43.64
C PHE A 192 -4.91 -7.77 44.59
N LYS A 193 -5.23 -6.52 44.27
CA LYS A 193 -4.82 -5.40 45.10
C LYS A 193 -5.47 -5.44 46.48
N GLN A 194 -6.72 -5.88 46.53
CA GLN A 194 -7.45 -5.96 47.79
C GLN A 194 -6.89 -7.06 48.70
N ARG A 195 -6.53 -8.20 48.10
CA ARG A 195 -6.00 -9.32 48.86
C ARG A 195 -4.49 -9.25 49.08
N GLY A 196 -3.83 -8.26 48.47
CA GLY A 196 -2.40 -8.12 48.65
C GLY A 196 -1.52 -8.91 47.71
N VAL A 197 -2.09 -9.41 46.61
CA VAL A 197 -1.31 -10.16 45.63
C VAL A 197 -0.34 -9.17 44.99
N PRO A 198 0.95 -9.53 44.94
CA PRO A 198 1.98 -8.66 44.36
C PRO A 198 1.90 -8.39 42.85
N ILE A 199 1.25 -7.30 42.49
CA ILE A 199 1.13 -6.89 41.09
C ILE A 199 1.32 -5.37 41.08
N ASP A 200 2.21 -4.89 40.21
CA ASP A 200 2.52 -3.46 40.14
C ASP A 200 2.03 -2.75 38.90
N CYS A 201 1.70 -3.50 37.86
CA CYS A 201 1.30 -2.87 36.62
C CYS A 201 0.42 -3.73 35.73
N VAL A 202 -0.28 -3.07 34.81
CA VAL A 202 -1.14 -3.76 33.86
C VAL A 202 -0.72 -3.28 32.49
N GLY A 203 -0.37 -4.23 31.63
CA GLY A 203 0.06 -3.89 30.28
C GLY A 203 -1.07 -4.06 29.29
N PHE A 204 -1.22 -3.06 28.42
CA PHE A 204 -2.25 -3.10 27.39
C PHE A 204 -1.60 -3.24 26.03
N GLN A 205 -1.81 -4.39 25.39
CA GLN A 205 -1.23 -4.67 24.08
C GLN A 205 -1.45 -3.52 23.10
N SER A 206 -2.68 -3.03 23.04
CA SER A 206 -3.02 -1.92 22.15
C SER A 206 -2.78 -2.24 20.68
N HIS A 207 -3.28 -3.39 20.25
CA HIS A 207 -3.19 -3.85 18.86
C HIS A 207 -4.51 -3.38 18.24
N PHE A 208 -4.49 -2.23 17.58
CA PHE A 208 -5.71 -1.68 16.99
C PHE A 208 -5.87 -1.85 15.47
N ASN A 209 -7.07 -2.27 15.07
CA ASN A 209 -7.41 -2.44 13.66
C ASN A 209 -8.94 -2.38 13.55
N SER A 210 -9.49 -2.43 12.34
CA SER A 210 -10.94 -2.32 12.22
C SER A 210 -11.69 -3.47 12.87
N GLY A 211 -10.97 -4.53 13.23
CA GLY A 211 -11.59 -5.66 13.90
C GLY A 211 -11.70 -5.39 15.39
N SER A 212 -10.78 -4.58 15.89
CA SER A 212 -10.73 -4.19 17.30
C SER A 212 -10.20 -2.76 17.31
N PRO A 213 -11.06 -1.79 16.96
CA PRO A 213 -10.74 -0.36 16.88
C PRO A 213 -10.40 0.35 18.18
N TYR A 214 -9.56 1.37 18.05
CA TYR A 214 -9.20 2.19 19.18
C TYR A 214 -10.47 2.99 19.49
N ASN A 215 -10.72 3.25 20.76
CA ASN A 215 -11.87 4.03 21.17
C ASN A 215 -11.35 4.98 22.24
N SER A 216 -11.87 6.21 22.23
CA SER A 216 -11.43 7.20 23.20
C SER A 216 -11.56 6.73 24.65
N ASN A 217 -12.44 5.76 24.91
CA ASN A 217 -12.58 5.30 26.29
C ASN A 217 -11.37 4.51 26.77
N PHE A 218 -10.36 4.35 25.91
CA PHE A 218 -9.16 3.64 26.31
C PHE A 218 -8.53 4.44 27.45
N ARG A 219 -8.64 5.77 27.37
CA ARG A 219 -8.09 6.62 28.42
C ARG A 219 -8.80 6.33 29.74
N THR A 220 -10.11 6.14 29.67
CA THR A 220 -10.91 5.87 30.85
C THR A 220 -10.47 4.54 31.44
N THR A 221 -10.21 3.56 30.59
CA THR A 221 -9.76 2.25 31.04
C THR A 221 -8.45 2.42 31.80
N LEU A 222 -7.49 3.12 31.18
CA LEU A 222 -6.19 3.35 31.81
C LEU A 222 -6.34 4.04 33.17
N GLN A 223 -7.21 5.04 33.22
CA GLN A 223 -7.43 5.80 34.44
C GLN A 223 -8.11 4.94 35.52
N ASN A 224 -9.02 4.07 35.10
CA ASN A 224 -9.70 3.21 36.06
C ASN A 224 -8.73 2.23 36.69
N PHE A 225 -7.81 1.70 35.89
CA PHE A 225 -6.81 0.77 36.44
C PHE A 225 -5.83 1.54 37.32
N ALA A 226 -5.42 2.73 36.88
CA ALA A 226 -4.50 3.53 37.66
C ALA A 226 -5.08 3.83 39.04
N ALA A 227 -6.40 3.99 39.08
CA ALA A 227 -7.11 4.28 40.33
C ALA A 227 -7.05 3.11 41.31
N LEU A 228 -6.77 1.92 40.80
CA LEU A 228 -6.67 0.73 41.65
C LEU A 228 -5.34 0.69 42.40
N GLY A 229 -4.43 1.59 42.02
CA GLY A 229 -3.14 1.63 42.67
C GLY A 229 -2.04 0.89 41.93
N VAL A 230 -2.22 0.71 40.62
CA VAL A 230 -1.21 0.03 39.81
C VAL A 230 -0.82 0.96 38.66
N ASP A 231 0.40 0.79 38.15
CA ASP A 231 0.83 1.61 37.03
C ASP A 231 0.27 0.93 35.79
N VAL A 232 0.26 1.64 34.66
CA VAL A 232 -0.22 1.06 33.42
C VAL A 232 0.81 1.31 32.35
N ALA A 233 0.82 0.48 31.32
CA ALA A 233 1.78 0.65 30.24
C ALA A 233 1.16 0.16 28.95
N ILE A 234 1.45 0.87 27.87
CA ILE A 234 0.98 0.49 26.53
C ILE A 234 2.17 -0.33 26.06
N THR A 235 1.96 -1.64 25.94
CA THR A 235 3.03 -2.58 25.63
C THR A 235 3.34 -3.06 24.21
N GLU A 236 2.36 -3.09 23.32
CA GLU A 236 2.60 -3.60 21.97
C GLU A 236 1.85 -2.79 20.93
N LEU A 237 1.86 -1.48 21.10
CA LEU A 237 1.12 -0.62 20.20
C LEU A 237 1.45 -0.69 18.71
N ASP A 238 0.41 -0.86 17.91
CA ASP A 238 0.49 -0.80 16.46
C ASP A 238 -0.93 -0.52 16.01
N ILE A 239 -1.04 0.31 14.98
CA ILE A 239 -2.33 0.75 14.48
C ILE A 239 -2.45 0.51 12.98
N GLN A 240 -3.46 -0.27 12.61
CA GLN A 240 -3.69 -0.60 11.20
C GLN A 240 -3.75 0.67 10.36
N GLY A 241 -2.83 0.80 9.41
CA GLY A 241 -2.80 1.97 8.54
C GLY A 241 -2.04 3.12 9.15
N ALA A 242 -1.64 2.97 10.41
CA ALA A 242 -0.89 3.99 11.13
C ALA A 242 -1.53 5.37 11.06
N SER A 243 -2.84 5.45 11.31
CA SER A 243 -3.55 6.72 11.30
C SER A 243 -2.83 7.72 12.21
N SER A 244 -2.56 8.91 11.69
CA SER A 244 -1.88 9.94 12.48
C SER A 244 -2.70 10.35 13.69
N SER A 245 -4.00 10.54 13.50
CA SER A 245 -4.87 10.96 14.61
C SER A 245 -4.94 9.89 15.69
N THR A 246 -5.03 8.64 15.29
CA THR A 246 -5.12 7.55 16.26
C THR A 246 -3.82 7.39 17.04
N TYR A 247 -2.69 7.50 16.36
CA TYR A 247 -1.40 7.38 17.04
C TYR A 247 -1.24 8.52 18.05
N ALA A 248 -1.68 9.71 17.65
CA ALA A 248 -1.59 10.87 18.53
C ALA A 248 -2.54 10.71 19.71
N ALA A 249 -3.72 10.17 19.43
CA ALA A 249 -4.72 9.98 20.48
C ALA A 249 -4.22 9.02 21.54
N VAL A 250 -3.62 7.90 21.11
CA VAL A 250 -3.10 6.92 22.06
C VAL A 250 -1.97 7.53 22.86
N THR A 251 -1.10 8.27 22.18
CA THR A 251 0.02 8.92 22.85
C THR A 251 -0.50 9.88 23.92
N ASN A 252 -1.50 10.67 23.57
CA ASN A 252 -2.06 11.61 24.53
C ASN A 252 -2.80 10.92 25.68
N ASP A 253 -3.32 9.72 25.44
CA ASP A 253 -4.00 9.00 26.50
C ASP A 253 -3.00 8.63 27.58
N CYS A 254 -1.79 8.23 27.17
CA CYS A 254 -0.77 7.87 28.15
C CYS A 254 -0.31 9.12 28.89
N LEU A 255 -0.16 10.22 28.15
CA LEU A 255 0.28 11.47 28.74
C LEU A 255 -0.76 12.03 29.72
N ALA A 256 -2.01 11.62 29.56
CA ALA A 256 -3.09 12.10 30.43
C ALA A 256 -3.22 11.30 31.71
N VAL A 257 -2.46 10.21 31.80
CA VAL A 257 -2.50 9.34 32.97
C VAL A 257 -1.16 9.35 33.69
N SER A 258 -1.14 9.95 34.88
CA SER A 258 0.08 10.05 35.67
C SER A 258 0.82 8.73 35.82
N ARG A 259 0.07 7.65 36.05
CA ARG A 259 0.66 6.34 36.23
C ARG A 259 1.00 5.57 34.95
N CYS A 260 0.82 6.18 33.78
CA CYS A 260 1.18 5.50 32.54
C CYS A 260 2.69 5.70 32.39
N LEU A 261 3.43 4.61 32.58
CA LEU A 261 4.89 4.64 32.53
C LEU A 261 5.48 4.96 31.17
N GLY A 262 4.80 4.55 30.11
CA GLY A 262 5.31 4.82 28.78
C GLY A 262 4.58 4.01 27.73
N ILE A 263 5.02 4.17 26.49
CA ILE A 263 4.42 3.49 25.36
C ILE A 263 5.46 2.77 24.54
N THR A 264 5.15 1.52 24.18
CA THR A 264 6.03 0.72 23.35
C THR A 264 5.28 0.36 22.07
N VAL A 265 5.87 0.61 20.91
CA VAL A 265 5.23 0.22 19.64
C VAL A 265 5.85 -1.15 19.30
N TRP A 266 5.04 -2.06 18.77
CA TRP A 266 5.53 -3.41 18.49
C TRP A 266 6.36 -3.57 17.22
N GLY A 267 7.51 -2.94 17.19
CA GLY A 267 8.39 -3.04 16.03
C GLY A 267 8.96 -1.71 15.60
N VAL A 268 9.98 -1.75 14.76
CA VAL A 268 10.62 -0.53 14.28
C VAL A 268 10.03 -0.06 12.95
N ARG A 269 10.27 -0.82 11.88
CA ARG A 269 9.73 -0.46 10.56
C ARG A 269 8.56 -1.37 10.23
N ASP A 270 7.68 -0.91 9.33
CA ASP A 270 6.53 -1.71 8.94
C ASP A 270 6.95 -3.10 8.48
N THR A 271 8.08 -3.18 7.78
CA THR A 271 8.59 -4.44 7.28
C THR A 271 9.08 -5.38 8.38
N ASP A 272 9.25 -4.86 9.60
CA ASP A 272 9.69 -5.66 10.74
C ASP A 272 8.50 -6.15 11.55
N SER A 273 7.32 -5.63 11.22
CA SER A 273 6.10 -5.97 11.94
C SER A 273 5.55 -7.37 11.74
N TRP A 274 4.95 -7.91 12.80
CA TRP A 274 4.35 -9.23 12.77
C TRP A 274 3.05 -9.12 11.95
N ARG A 275 2.66 -7.89 11.66
CA ARG A 275 1.45 -7.60 10.88
C ARG A 275 1.81 -6.55 9.82
N SER A 276 2.89 -6.80 9.07
CA SER A 276 3.35 -5.88 8.05
C SER A 276 2.30 -5.47 7.03
N GLY A 277 1.37 -6.37 6.75
CA GLY A 277 0.32 -6.06 5.78
C GLY A 277 -0.53 -4.89 6.21
N ASP A 278 -0.55 -4.61 7.50
CA ASP A 278 -1.33 -3.51 8.04
C ASP A 278 -0.50 -2.23 8.21
N THR A 279 0.74 -2.23 7.71
CA THR A 279 1.65 -1.08 7.82
C THR A 279 1.25 -0.28 9.05
N PRO A 280 1.31 -0.91 10.24
CA PRO A 280 0.92 -0.33 11.52
C PRO A 280 1.96 0.39 12.39
N LEU A 281 3.17 0.57 11.90
CA LEU A 281 4.21 1.22 12.72
C LEU A 281 4.54 2.65 12.30
N LEU A 282 5.58 3.22 12.92
CA LEU A 282 5.96 4.61 12.67
C LEU A 282 7.02 4.88 11.60
N PHE A 283 7.66 3.84 11.11
CA PHE A 283 8.67 3.99 10.07
C PHE A 283 8.36 3.06 8.91
N ASN A 284 8.62 3.53 7.68
CA ASN A 284 8.38 2.73 6.49
C ASN A 284 9.50 1.72 6.29
N GLY A 285 9.32 0.82 5.33
CA GLY A 285 10.33 -0.17 5.03
C GLY A 285 11.68 0.45 4.68
N ASP A 286 11.66 1.60 4.01
CA ASP A 286 12.91 2.26 3.65
C ASP A 286 13.47 3.06 4.81
N GLY A 287 12.83 2.94 5.97
CA GLY A 287 13.31 3.64 7.15
C GLY A 287 12.89 5.09 7.31
N SER A 288 12.00 5.55 6.43
CA SER A 288 11.55 6.93 6.51
C SER A 288 10.46 7.13 7.57
N LYS A 289 10.47 8.29 8.21
CA LYS A 289 9.48 8.62 9.22
C LYS A 289 8.13 8.81 8.53
N LYS A 290 7.10 8.17 9.07
CA LYS A 290 5.76 8.28 8.50
C LYS A 290 5.06 9.51 9.09
N ALA A 291 3.92 9.88 8.50
CA ALA A 291 3.17 11.03 9.02
C ALA A 291 2.84 10.80 10.49
N ALA A 292 2.59 9.54 10.85
CA ALA A 292 2.25 9.20 12.23
C ALA A 292 3.40 9.47 13.19
N TYR A 293 4.63 9.33 12.70
CA TYR A 293 5.79 9.58 13.56
C TYR A 293 5.75 11.01 14.08
N THR A 294 5.55 11.94 13.17
CA THR A 294 5.51 13.35 13.52
C THR A 294 4.33 13.65 14.45
N ALA A 295 3.21 12.97 14.23
CA ALA A 295 2.03 13.17 15.07
C ALA A 295 2.34 12.76 16.51
N VAL A 296 3.04 11.64 16.67
CA VAL A 296 3.41 11.14 17.99
C VAL A 296 4.44 12.08 18.64
N LEU A 297 5.47 12.45 17.89
CA LEU A 297 6.51 13.34 18.42
C LEU A 297 5.87 14.64 18.88
N ASN A 298 4.96 15.18 18.08
CA ASN A 298 4.29 16.43 18.42
C ASN A 298 3.52 16.30 19.72
N ALA A 299 2.81 15.18 19.88
CA ALA A 299 2.05 14.94 21.09
C ALA A 299 2.98 14.86 22.31
N LEU A 300 4.08 14.14 22.17
CA LEU A 300 5.04 13.99 23.26
C LEU A 300 5.67 15.33 23.65
N ASN A 301 5.76 16.24 22.70
CA ASN A 301 6.33 17.55 22.98
C ASN A 301 5.28 18.54 23.47
N GLY A 302 4.08 18.02 23.75
CA GLY A 302 3.00 18.86 24.25
C GLY A 302 2.16 19.56 23.21
N GLY A 303 2.32 19.19 21.94
CA GLY A 303 1.55 19.83 20.90
C GLY A 303 0.08 19.45 20.93
N GLY A 313 -8.38 23.89 4.74
CA GLY A 313 -7.93 25.29 4.97
C GLY A 313 -6.78 25.68 4.06
N GLN A 314 -6.42 26.96 4.10
CA GLN A 314 -5.32 27.44 3.27
C GLN A 314 -3.98 27.17 3.93
N ILE A 315 -2.95 27.09 3.09
CA ILE A 315 -1.58 26.88 3.55
C ILE A 315 -0.81 28.07 2.99
N LYS A 316 -0.48 29.01 3.86
CA LYS A 316 0.21 30.23 3.46
C LYS A 316 1.70 30.23 3.70
N GLY A 317 2.45 30.70 2.71
CA GLY A 317 3.90 30.76 2.82
C GLY A 317 4.32 31.95 3.66
N VAL A 318 5.19 31.71 4.63
CA VAL A 318 5.66 32.76 5.52
C VAL A 318 6.44 33.85 4.80
N GLY A 319 7.38 33.44 3.95
CA GLY A 319 8.17 34.40 3.22
C GLY A 319 7.42 35.23 2.19
N SER A 320 6.43 34.62 1.53
CA SER A 320 5.69 35.30 0.49
C SER A 320 4.36 35.92 0.92
N GLY A 321 3.73 35.30 1.91
CA GLY A 321 2.44 35.79 2.35
C GLY A 321 1.36 35.31 1.40
N ARG A 322 1.75 34.44 0.47
CA ARG A 322 0.82 33.88 -0.50
C ARG A 322 0.49 32.42 -0.19
N CYS A 323 -0.65 31.97 -0.70
CA CYS A 323 -1.16 30.61 -0.45
C CYS A 323 -0.83 29.53 -1.48
N LEU A 324 -0.72 28.28 -1.02
CA LEU A 324 -0.46 27.14 -1.89
C LEU A 324 -1.69 27.10 -2.79
N ASP A 325 -1.48 27.20 -4.09
CA ASP A 325 -2.57 27.29 -5.04
C ASP A 325 -2.44 26.38 -6.27
N VAL A 326 -3.57 25.80 -6.69
CA VAL A 326 -3.60 24.95 -7.87
C VAL A 326 -4.00 25.90 -9.01
N PRO A 327 -3.08 26.17 -9.94
CA PRO A 327 -3.31 27.07 -11.08
C PRO A 327 -4.68 26.95 -11.77
N ASN A 328 -5.37 28.09 -11.84
CA ASN A 328 -6.69 28.18 -12.49
C ASN A 328 -7.69 27.14 -12.03
N ALA A 329 -7.54 26.67 -10.79
CA ALA A 329 -8.43 25.68 -10.23
C ALA A 329 -8.52 24.43 -11.10
N SER A 330 -7.40 24.07 -11.71
CA SER A 330 -7.33 22.89 -12.56
C SER A 330 -7.40 21.62 -11.70
N THR A 331 -7.94 20.55 -12.28
CA THR A 331 -8.03 19.27 -11.57
C THR A 331 -7.23 18.24 -12.35
N THR A 332 -6.46 18.72 -13.32
CA THR A 332 -5.65 17.83 -14.16
C THR A 332 -4.40 17.29 -13.48
N ASP A 333 -4.25 15.96 -13.49
CA ASP A 333 -3.07 15.33 -12.89
C ASP A 333 -1.82 15.89 -13.55
N GLY A 334 -0.81 16.19 -12.73
CA GLY A 334 0.43 16.72 -13.28
C GLY A 334 0.53 18.24 -13.23
N THR A 335 -0.51 18.90 -12.76
CA THR A 335 -0.49 20.37 -12.67
C THR A 335 0.36 20.78 -11.48
N GLN A 336 1.47 21.47 -11.76
CA GLN A 336 2.36 21.90 -10.69
C GLN A 336 1.70 23.01 -9.88
N VAL A 337 1.83 22.92 -8.56
CA VAL A 337 1.23 23.92 -7.67
C VAL A 337 2.10 25.18 -7.59
N GLN A 338 1.48 26.28 -7.19
CA GLN A 338 2.16 27.57 -7.12
C GLN A 338 1.74 28.37 -5.90
N LEU A 339 2.32 29.57 -5.79
CA LEU A 339 1.98 30.51 -4.73
C LEU A 339 1.04 31.50 -5.41
N TYR A 340 0.03 31.95 -4.69
CA TYR A 340 -0.91 32.92 -5.26
C TYR A 340 -1.64 33.67 -4.16
N ASP A 341 -2.01 34.91 -4.43
CA ASP A 341 -2.74 35.71 -3.45
C ASP A 341 -3.84 34.85 -2.86
N CYS A 342 -3.95 34.86 -1.53
CA CYS A 342 -4.96 34.05 -0.86
C CYS A 342 -6.37 34.60 -1.04
N HIS A 343 -7.30 33.70 -1.31
CA HIS A 343 -8.70 34.07 -1.47
C HIS A 343 -9.57 32.83 -1.30
N SER A 344 -10.85 33.05 -1.04
CA SER A 344 -11.78 31.94 -0.84
C SER A 344 -12.05 31.19 -2.13
N ALA A 345 -11.32 30.09 -2.32
CA ALA A 345 -11.47 29.26 -3.51
C ALA A 345 -11.08 27.82 -3.16
N THR A 346 -11.76 26.87 -3.79
CA THR A 346 -11.48 25.46 -3.53
C THR A 346 -10.08 25.02 -3.92
N ASN A 347 -9.46 25.76 -4.85
CA ASN A 347 -8.11 25.39 -5.28
C ASN A 347 -7.03 25.86 -4.31
N GLN A 348 -7.44 26.38 -3.16
CA GLN A 348 -6.52 26.82 -2.12
C GLN A 348 -6.91 26.17 -0.79
N GLN A 349 -7.89 25.28 -0.83
CA GLN A 349 -8.37 24.58 0.35
C GLN A 349 -7.74 23.19 0.44
N TRP A 350 -6.82 23.01 1.38
CA TRP A 350 -6.15 21.74 1.55
C TRP A 350 -6.56 21.03 2.83
N THR A 351 -6.70 19.70 2.74
CA THR A 351 -7.10 18.91 3.90
C THR A 351 -6.05 17.87 4.24
N TYR A 352 -5.52 17.92 5.46
CA TYR A 352 -4.53 16.96 5.90
C TYR A 352 -5.28 15.74 6.42
N THR A 353 -5.04 14.59 5.81
CA THR A 353 -5.73 13.36 6.20
C THR A 353 -4.95 12.51 7.19
N ASP A 354 -5.62 11.52 7.76
CA ASP A 354 -4.99 10.61 8.72
C ASP A 354 -3.83 9.85 8.09
N ALA A 355 -3.91 9.63 6.78
CA ALA A 355 -2.87 8.92 6.05
C ALA A 355 -1.66 9.81 5.76
N GLY A 356 -1.79 11.10 6.06
CA GLY A 356 -0.69 12.03 5.83
C GLY A 356 -0.73 12.75 4.50
N GLU A 357 -1.88 12.72 3.83
CA GLU A 357 -1.99 13.40 2.53
C GLU A 357 -2.47 14.83 2.71
N LEU A 358 -2.24 15.64 1.69
CA LEU A 358 -2.72 17.01 1.66
C LEU A 358 -3.64 17.00 0.45
N ARG A 359 -4.93 16.82 0.70
CA ARG A 359 -5.92 16.73 -0.36
C ARG A 359 -6.57 18.03 -0.77
N VAL A 360 -6.96 18.09 -2.04
CA VAL A 360 -7.64 19.23 -2.60
C VAL A 360 -8.71 18.68 -3.54
N TYR A 361 -9.85 19.35 -3.62
CA TYR A 361 -10.96 18.91 -4.47
C TYR A 361 -11.56 17.60 -3.96
N GLY A 362 -11.08 17.14 -2.81
CA GLY A 362 -11.58 15.91 -2.24
C GLY A 362 -10.82 14.65 -2.59
N ASP A 363 -10.40 14.51 -3.86
CA ASP A 363 -9.70 13.30 -4.27
C ASP A 363 -8.40 13.52 -5.03
N LYS A 364 -7.84 14.72 -4.94
CA LYS A 364 -6.56 15.02 -5.58
C LYS A 364 -5.55 15.18 -4.45
N CYS A 365 -4.33 14.72 -4.67
CA CYS A 365 -3.29 14.77 -3.65
C CYS A 365 -2.06 15.59 -4.03
N LEU A 366 -1.49 16.29 -3.04
CA LEU A 366 -0.26 17.05 -3.28
C LEU A 366 0.69 15.90 -3.56
N ASP A 367 1.37 15.98 -4.71
CA ASP A 367 2.20 14.89 -5.18
C ASP A 367 3.61 15.31 -5.62
N ALA A 368 4.63 14.57 -5.17
CA ALA A 368 6.01 14.85 -5.57
C ALA A 368 6.34 13.94 -6.75
N ALA A 369 6.75 14.55 -7.87
CA ALA A 369 7.07 13.80 -9.09
C ALA A 369 8.38 13.04 -9.07
N GLY A 370 9.06 13.05 -7.92
CA GLY A 370 10.34 12.38 -7.81
C GLY A 370 10.86 12.50 -6.39
N THR A 371 12.16 12.27 -6.19
CA THR A 371 12.73 12.35 -4.84
C THR A 371 13.91 13.30 -4.62
N GLY A 372 14.44 13.92 -5.66
CA GLY A 372 15.58 14.80 -5.47
C GLY A 372 15.27 16.28 -5.44
N ASN A 373 16.29 17.10 -5.19
CA ASN A 373 16.10 18.55 -5.16
C ASN A 373 15.59 18.97 -6.54
N GLY A 374 14.68 19.94 -6.56
CA GLY A 374 14.14 20.40 -7.82
C GLY A 374 12.93 19.62 -8.30
N THR A 375 12.55 18.59 -7.55
CA THR A 375 11.40 17.78 -7.92
C THR A 375 10.12 18.61 -7.95
N LYS A 376 9.35 18.44 -9.00
CA LYS A 376 8.09 19.16 -9.17
C LYS A 376 7.04 18.67 -8.18
N VAL A 377 6.36 19.60 -7.53
CA VAL A 377 5.28 19.25 -6.60
C VAL A 377 4.01 19.65 -7.34
N GLN A 378 3.09 18.71 -7.46
CA GLN A 378 1.88 18.92 -8.23
C GLN A 378 0.67 18.25 -7.58
N ILE A 379 -0.44 18.23 -8.30
CA ILE A 379 -1.62 17.54 -7.80
C ILE A 379 -1.72 16.27 -8.66
N TYR A 380 -2.19 15.18 -8.06
CA TYR A 380 -2.30 13.91 -8.77
C TYR A 380 -3.32 13.08 -8.02
N SER A 381 -4.04 12.22 -8.74
CA SER A 381 -5.05 11.37 -8.12
C SER A 381 -4.44 10.67 -6.91
N CYS A 382 -5.16 10.68 -5.80
CA CYS A 382 -4.66 10.02 -4.60
C CYS A 382 -4.67 8.52 -4.78
N TRP A 383 -3.57 7.86 -4.38
CA TRP A 383 -3.51 6.41 -4.49
C TRP A 383 -2.74 5.75 -3.35
N GLY A 384 -2.19 6.56 -2.44
CA GLY A 384 -1.47 5.99 -1.32
C GLY A 384 0.05 5.97 -1.37
N GLY A 385 0.64 6.52 -2.44
CA GLY A 385 2.09 6.53 -2.54
C GLY A 385 2.75 7.39 -1.48
N ASP A 386 3.97 7.03 -1.09
CA ASP A 386 4.67 7.80 -0.07
C ASP A 386 5.09 9.17 -0.59
N ASN A 387 5.04 9.35 -1.90
CA ASN A 387 5.39 10.64 -2.50
C ASN A 387 4.16 11.54 -2.43
N GLN A 388 3.10 11.04 -1.81
CA GLN A 388 1.87 11.80 -1.62
C GLN A 388 1.60 11.98 -0.13
N LYS A 389 2.58 11.63 0.69
CA LYS A 389 2.44 11.75 2.14
C LYS A 389 3.38 12.83 2.65
N TRP A 390 2.91 13.59 3.64
CA TRP A 390 3.68 14.70 4.16
C TRP A 390 3.65 14.80 5.68
N ARG A 391 4.73 15.34 6.23
CA ARG A 391 4.84 15.52 7.68
C ARG A 391 4.81 17.01 7.96
N LEU A 392 3.89 17.43 8.83
CA LEU A 392 3.75 18.83 9.18
C LEU A 392 4.53 19.10 10.47
N ASN A 393 5.68 19.74 10.34
CA ASN A 393 6.53 20.04 11.49
C ASN A 393 6.13 21.32 12.22
N SER A 394 6.47 21.38 13.50
CA SER A 394 6.13 22.53 14.32
C SER A 394 6.81 23.82 13.89
N ASP A 395 7.93 23.72 13.18
CA ASP A 395 8.63 24.92 12.72
C ASP A 395 8.01 25.48 11.45
N GLY A 396 6.96 24.83 10.96
CA GLY A 396 6.29 25.29 9.76
C GLY A 396 6.71 24.61 8.48
N SER A 397 7.72 23.75 8.55
CA SER A 397 8.16 23.05 7.35
C SER A 397 7.22 21.90 7.07
N ILE A 398 7.13 21.50 5.80
CA ILE A 398 6.27 20.40 5.38
C ILE A 398 7.21 19.48 4.61
N VAL A 399 7.46 18.32 5.19
CA VAL A 399 8.39 17.36 4.62
C VAL A 399 7.76 16.16 3.93
N GLY A 400 8.25 15.83 2.74
CA GLY A 400 7.73 14.69 2.01
C GLY A 400 8.26 13.41 2.66
N VAL A 401 7.36 12.47 2.92
CA VAL A 401 7.76 11.22 3.56
C VAL A 401 8.78 10.42 2.75
N GLN A 402 8.48 10.20 1.49
CA GLN A 402 9.38 9.42 0.63
C GLN A 402 10.73 10.08 0.38
N SER A 403 10.72 11.39 0.15
CA SER A 403 11.93 12.14 -0.17
C SER A 403 12.72 12.70 1.01
N GLY A 404 12.03 13.03 2.09
CA GLY A 404 12.71 13.62 3.23
C GLY A 404 13.07 15.05 2.91
N LEU A 405 12.49 15.59 1.84
CA LEU A 405 12.74 16.97 1.41
C LEU A 405 11.57 17.89 1.72
N CYS A 406 11.86 19.19 1.84
CA CYS A 406 10.86 20.20 2.18
C CYS A 406 10.09 20.84 1.02
N LEU A 407 8.83 21.19 1.26
CA LEU A 407 8.03 21.89 0.26
C LEU A 407 8.79 23.20 0.15
N ASP A 408 9.12 23.60 -1.07
CA ASP A 408 9.94 24.79 -1.29
C ASP A 408 9.46 25.68 -2.43
N ALA A 409 9.33 26.99 -2.16
CA ALA A 409 8.94 27.94 -3.19
C ALA A 409 10.21 28.22 -3.98
N VAL A 410 10.24 27.74 -5.22
CA VAL A 410 11.39 27.85 -6.10
C VAL A 410 12.18 29.17 -6.09
N GLY A 411 13.49 29.04 -5.85
CA GLY A 411 14.37 30.19 -5.83
C GLY A 411 14.04 31.24 -4.80
N GLY A 412 13.13 30.94 -3.89
CA GLY A 412 12.75 31.91 -2.88
C GLY A 412 11.78 32.93 -3.46
N GLY A 413 11.19 32.61 -4.61
CA GLY A 413 10.23 33.51 -5.22
C GLY A 413 9.05 33.77 -4.30
N THR A 414 8.44 34.95 -4.43
CA THR A 414 7.31 35.30 -3.58
C THR A 414 6.10 35.81 -4.37
N ALA A 415 6.30 36.09 -5.65
CA ALA A 415 5.22 36.61 -6.50
C ALA A 415 4.23 35.54 -6.93
N ASN A 416 3.06 35.97 -7.40
CA ASN A 416 2.05 35.05 -7.89
C ASN A 416 2.69 34.24 -9.00
N GLY A 417 2.44 32.93 -9.01
CA GLY A 417 3.00 32.12 -10.07
C GLY A 417 4.29 31.40 -9.71
N THR A 418 4.84 31.71 -8.53
CA THR A 418 6.06 31.05 -8.09
C THR A 418 5.72 29.57 -7.92
N LEU A 419 6.49 28.70 -8.56
CA LEU A 419 6.25 27.27 -8.49
C LEU A 419 6.76 26.62 -7.21
N ILE A 420 6.20 25.47 -6.88
CA ILE A 420 6.58 24.73 -5.68
C ILE A 420 7.36 23.47 -6.07
N GLN A 421 8.42 23.21 -5.32
CA GLN A 421 9.28 22.06 -5.58
C GLN A 421 9.70 21.42 -4.26
N LEU A 422 10.49 20.36 -4.36
CA LEU A 422 11.04 19.69 -3.19
C LEU A 422 12.46 20.21 -3.10
N TYR A 423 12.98 20.40 -1.90
CA TYR A 423 14.36 20.86 -1.74
C TYR A 423 14.85 20.62 -0.31
N SER A 424 16.15 20.36 -0.20
CA SER A 424 16.77 20.11 1.10
C SER A 424 16.27 21.15 2.10
N CYS A 425 15.79 20.68 3.24
CA CYS A 425 15.27 21.58 4.26
C CYS A 425 16.37 22.50 4.75
N SER A 426 16.07 23.79 4.82
CA SER A 426 17.05 24.79 5.25
C SER A 426 16.48 25.78 6.25
N ASN A 427 15.23 25.61 6.64
CA ASN A 427 14.58 26.52 7.58
C ASN A 427 14.37 27.88 6.92
N GLY A 428 14.44 27.93 5.59
CA GLY A 428 14.24 29.18 4.89
C GLY A 428 12.78 29.61 4.96
N SER A 429 12.53 30.91 4.79
CA SER A 429 11.16 31.42 4.86
C SER A 429 10.32 30.92 3.69
N ASN A 430 10.97 30.43 2.64
CA ASN A 430 10.27 29.91 1.47
C ASN A 430 9.98 28.42 1.66
N GLN A 431 10.26 27.93 2.86
CA GLN A 431 10.02 26.52 3.21
C GLN A 431 9.16 26.44 4.45
N ARG A 432 8.68 27.59 4.94
CA ARG A 432 7.84 27.64 6.12
C ARG A 432 6.42 28.01 5.74
N TRP A 433 5.47 27.30 6.32
CA TRP A 433 4.06 27.53 6.02
C TRP A 433 3.20 27.61 7.26
N THR A 434 2.14 28.40 7.19
CA THR A 434 1.22 28.54 8.30
C THR A 434 -0.16 28.06 7.83
N ARG A 435 -0.79 27.22 8.65
CA ARG A 435 -2.10 26.68 8.32
C ARG A 435 -3.21 27.47 8.98
N THR A 436 -4.18 27.90 8.17
CA THR A 436 -5.31 28.67 8.67
C THR A 436 -6.61 27.99 8.24
N ALA B 1 -19.43 -12.30 -22.85
CA ALA B 1 -19.74 -11.25 -23.84
C ALA B 1 -19.36 -9.88 -23.27
N GLU B 2 -19.78 -9.61 -22.05
CA GLU B 2 -19.45 -8.35 -21.41
C GLU B 2 -19.03 -8.50 -19.96
N SER B 3 -18.61 -9.70 -19.56
CA SER B 3 -18.19 -9.95 -18.19
C SER B 3 -16.67 -10.04 -18.03
N THR B 4 -15.95 -10.09 -19.16
CA THR B 4 -14.49 -10.15 -19.14
C THR B 4 -13.94 -9.04 -20.03
N LEU B 5 -12.71 -8.61 -19.77
CA LEU B 5 -12.11 -7.54 -20.54
C LEU B 5 -12.01 -7.83 -22.04
N GLY B 6 -11.45 -8.98 -22.39
CA GLY B 6 -11.31 -9.33 -23.79
C GLY B 6 -12.64 -9.38 -24.54
N ALA B 7 -13.64 -10.01 -23.93
CA ALA B 7 -14.95 -10.13 -24.56
C ALA B 7 -15.61 -8.77 -24.74
N ALA B 8 -15.46 -7.90 -23.75
CA ALA B 8 -16.03 -6.56 -23.81
C ALA B 8 -15.34 -5.76 -24.92
N ALA B 9 -14.03 -5.90 -25.02
CA ALA B 9 -13.28 -5.20 -26.05
C ALA B 9 -13.71 -5.70 -27.43
N ALA B 10 -14.01 -6.99 -27.51
CA ALA B 10 -14.43 -7.60 -28.78
C ALA B 10 -15.73 -7.00 -29.29
N GLN B 11 -16.52 -6.40 -28.39
CA GLN B 11 -17.78 -5.79 -28.79
C GLN B 11 -17.57 -4.57 -29.67
N SER B 12 -16.34 -4.08 -29.74
CA SER B 12 -16.03 -2.94 -30.60
C SER B 12 -14.94 -3.34 -31.60
N GLY B 13 -14.77 -4.65 -31.76
CA GLY B 13 -13.79 -5.17 -32.71
C GLY B 13 -12.35 -5.02 -32.26
N ARG B 14 -12.16 -4.85 -30.96
CA ARG B 14 -10.82 -4.69 -30.40
C ARG B 14 -10.45 -5.83 -29.47
N TYR B 15 -9.21 -5.81 -29.01
CA TYR B 15 -8.73 -6.83 -28.08
C TYR B 15 -8.29 -6.14 -26.80
N PHE B 16 -8.14 -6.93 -25.75
CA PHE B 16 -7.62 -6.40 -24.50
C PHE B 16 -6.65 -7.50 -24.09
N GLY B 17 -5.36 -7.16 -24.09
CA GLY B 17 -4.36 -8.14 -23.78
C GLY B 17 -3.53 -7.87 -22.56
N THR B 18 -2.54 -8.73 -22.35
CA THR B 18 -1.65 -8.59 -21.22
C THR B 18 -0.28 -9.13 -21.64
N ALA B 19 0.69 -8.95 -20.74
CA ALA B 19 2.04 -9.44 -20.97
C ALA B 19 2.11 -10.73 -20.15
N ILE B 20 2.56 -11.81 -20.76
CA ILE B 20 2.65 -13.11 -20.08
C ILE B 20 4.10 -13.48 -19.83
N ALA B 21 4.39 -13.95 -18.62
CA ALA B 21 5.73 -14.37 -18.24
C ALA B 21 5.70 -15.90 -18.16
N SER B 22 6.54 -16.55 -18.96
CA SER B 22 6.59 -18.02 -18.99
C SER B 22 6.84 -18.62 -17.62
N GLY B 23 7.69 -17.97 -16.83
CA GLY B 23 8.01 -18.49 -15.51
C GLY B 23 6.89 -18.43 -14.49
N LYS B 24 5.78 -17.78 -14.85
CA LYS B 24 4.64 -17.67 -13.95
C LYS B 24 3.48 -18.56 -14.38
N LEU B 25 3.64 -19.26 -15.50
CA LEU B 25 2.58 -20.12 -16.02
C LEU B 25 2.25 -21.34 -15.16
N GLY B 26 3.10 -21.64 -14.19
CA GLY B 26 2.85 -22.76 -13.31
C GLY B 26 1.96 -22.34 -12.13
N ASP B 27 1.67 -21.04 -12.08
CA ASP B 27 0.84 -20.45 -11.01
C ASP B 27 -0.63 -20.49 -11.44
N SER B 28 -1.41 -21.38 -10.82
CA SER B 28 -2.83 -21.53 -11.16
C SER B 28 -3.65 -20.25 -11.07
N ALA B 29 -3.38 -19.43 -10.07
CA ALA B 29 -4.12 -18.19 -9.90
C ALA B 29 -3.81 -17.27 -11.09
N TYR B 30 -2.53 -17.19 -11.45
CA TYR B 30 -2.07 -16.36 -12.55
C TYR B 30 -2.74 -16.74 -13.87
N THR B 31 -2.65 -18.02 -14.23
CA THR B 31 -3.24 -18.49 -15.49
C THR B 31 -4.75 -18.44 -15.53
N THR B 32 -5.41 -18.64 -14.38
CA THR B 32 -6.86 -18.59 -14.35
C THR B 32 -7.33 -17.20 -14.74
N ILE B 33 -6.71 -16.17 -14.15
CA ILE B 33 -7.06 -14.79 -14.45
C ILE B 33 -6.69 -14.44 -15.89
N ALA B 34 -5.45 -14.75 -16.26
CA ALA B 34 -4.95 -14.44 -17.60
C ALA B 34 -5.75 -15.09 -18.73
N SER B 35 -6.08 -16.36 -18.58
CA SER B 35 -6.84 -17.07 -19.61
C SER B 35 -8.25 -16.53 -19.76
N ARG B 36 -8.85 -16.17 -18.63
CA ARG B 36 -10.22 -15.66 -18.59
C ARG B 36 -10.43 -14.25 -19.11
N GLU B 37 -9.53 -13.34 -18.75
CA GLU B 37 -9.69 -11.92 -19.09
C GLU B 37 -9.11 -11.34 -20.38
N PHE B 38 -8.10 -11.97 -20.94
CA PHE B 38 -7.44 -11.42 -22.12
C PHE B 38 -7.53 -12.26 -23.39
N ASN B 39 -7.64 -11.59 -24.54
CA ASN B 39 -7.70 -12.30 -25.81
C ASN B 39 -6.50 -11.95 -26.71
N MET B 40 -5.49 -11.33 -26.11
CA MET B 40 -4.26 -10.98 -26.81
C MET B 40 -3.13 -11.15 -25.80
N VAL B 41 -2.01 -11.70 -26.26
CA VAL B 41 -0.86 -11.96 -25.40
C VAL B 41 0.44 -11.45 -26.00
N THR B 42 1.27 -10.85 -25.16
CA THR B 42 2.59 -10.38 -25.57
C THR B 42 3.55 -11.09 -24.59
N ALA B 43 4.62 -11.68 -25.10
CA ALA B 43 5.58 -12.33 -24.20
C ALA B 43 6.33 -11.18 -23.50
N GLU B 44 6.38 -11.21 -22.19
CA GLU B 44 7.05 -10.13 -21.46
C GLU B 44 8.55 -10.02 -21.78
N ASN B 45 9.21 -11.15 -22.01
CA ASN B 45 10.65 -11.14 -22.30
C ASN B 45 11.11 -12.23 -23.25
N GLU B 46 10.29 -13.28 -23.37
CA GLU B 46 10.61 -14.45 -24.16
C GLU B 46 10.83 -14.34 -25.65
N MET B 47 10.42 -13.23 -26.26
CA MET B 47 10.62 -13.08 -27.70
C MET B 47 11.61 -11.98 -28.03
N LYS B 48 12.31 -11.51 -27.00
CA LYS B 48 13.32 -10.47 -27.19
C LYS B 48 14.57 -11.08 -27.82
N ILE B 49 15.51 -10.25 -28.21
CA ILE B 49 16.72 -10.73 -28.89
C ILE B 49 17.55 -11.74 -28.13
N ASP B 50 17.84 -11.47 -26.86
CA ASP B 50 18.66 -12.40 -26.08
C ASP B 50 17.96 -13.74 -25.86
N ALA B 51 16.65 -13.73 -25.74
CA ALA B 51 15.89 -14.95 -25.51
C ALA B 51 15.72 -15.81 -26.76
N THR B 52 15.78 -15.19 -27.94
CA THR B 52 15.57 -15.93 -29.19
C THR B 52 16.82 -16.24 -30.01
N GLU B 53 17.93 -15.57 -29.71
CA GLU B 53 19.19 -15.82 -30.43
C GLU B 53 20.33 -15.67 -29.43
N PRO B 54 20.47 -16.64 -28.51
CA PRO B 54 21.50 -16.67 -27.47
C PRO B 54 22.95 -16.61 -27.96
N GLN B 55 23.18 -17.10 -29.17
CA GLN B 55 24.50 -17.05 -29.78
C GLN B 55 24.24 -16.65 -31.23
N ARG B 56 25.20 -15.98 -31.86
CA ARG B 56 24.99 -15.53 -33.23
C ARG B 56 24.68 -16.67 -34.20
N GLY B 57 23.52 -16.58 -34.84
CA GLY B 57 23.11 -17.59 -35.80
C GLY B 57 22.45 -18.80 -35.18
N GLN B 58 22.42 -18.87 -33.85
CA GLN B 58 21.82 -19.98 -33.13
C GLN B 58 20.53 -19.53 -32.47
N PHE B 59 19.40 -19.82 -33.11
CA PHE B 59 18.11 -19.41 -32.57
C PHE B 59 17.57 -20.41 -31.57
N ASN B 60 16.79 -19.89 -30.62
CA ASN B 60 16.21 -20.72 -29.58
C ASN B 60 14.82 -20.19 -29.25
N PHE B 61 13.80 -21.01 -29.48
CA PHE B 61 12.43 -20.57 -29.23
C PHE B 61 11.74 -21.32 -28.10
N SER B 62 12.52 -21.96 -27.24
CA SER B 62 11.94 -22.70 -26.12
C SER B 62 11.09 -21.80 -25.22
N ALA B 63 11.62 -20.64 -24.85
CA ALA B 63 10.89 -19.72 -23.99
C ALA B 63 9.72 -19.07 -24.72
N GLY B 64 9.99 -18.58 -25.93
CA GLY B 64 8.95 -17.95 -26.72
C GLY B 64 7.78 -18.87 -27.02
N ASP B 65 8.07 -20.12 -27.40
CA ASP B 65 7.02 -21.07 -27.73
C ASP B 65 6.17 -21.45 -26.53
N ARG B 66 6.74 -21.40 -25.33
CA ARG B 66 5.96 -21.74 -24.14
C ARG B 66 4.87 -20.69 -23.99
N VAL B 67 5.20 -19.43 -24.26
CA VAL B 67 4.22 -18.35 -24.17
C VAL B 67 3.25 -18.46 -25.34
N TYR B 68 3.78 -18.65 -26.54
CA TYR B 68 2.95 -18.76 -27.74
C TYR B 68 1.94 -19.91 -27.62
N ASN B 69 2.42 -21.08 -27.23
CA ASN B 69 1.55 -22.25 -27.09
C ASN B 69 0.43 -22.00 -26.08
N TRP B 70 0.77 -21.39 -24.96
CA TRP B 70 -0.23 -21.11 -23.94
C TRP B 70 -1.28 -20.15 -24.50
N ALA B 71 -0.82 -19.15 -25.23
CA ALA B 71 -1.74 -18.17 -25.81
C ALA B 71 -2.73 -18.83 -26.77
N VAL B 72 -2.23 -19.56 -27.75
CA VAL B 72 -3.10 -20.21 -28.73
C VAL B 72 -4.01 -21.26 -28.09
N GLN B 73 -3.47 -22.01 -27.14
CA GLN B 73 -4.24 -23.03 -26.43
C GLN B 73 -5.41 -22.40 -25.70
N ASN B 74 -5.27 -21.13 -25.33
CA ASN B 74 -6.33 -20.44 -24.61
C ASN B 74 -7.08 -19.39 -25.44
N GLY B 75 -7.01 -19.56 -26.76
CA GLY B 75 -7.72 -18.68 -27.66
C GLY B 75 -7.28 -17.23 -27.81
N LYS B 76 -6.00 -16.94 -27.60
CA LYS B 76 -5.54 -15.56 -27.76
C LYS B 76 -4.65 -15.39 -28.97
N GLN B 77 -4.62 -14.18 -29.51
CA GLN B 77 -3.73 -13.86 -30.61
C GLN B 77 -2.45 -13.43 -29.90
N VAL B 78 -1.39 -13.20 -30.67
CA VAL B 78 -0.11 -12.82 -30.08
C VAL B 78 0.56 -11.61 -30.73
N ARG B 79 1.15 -10.75 -29.90
CA ARG B 79 1.90 -9.60 -30.38
C ARG B 79 3.35 -10.01 -30.15
N GLY B 80 4.16 -9.99 -31.20
CA GLY B 80 5.57 -10.34 -31.06
C GLY B 80 6.34 -9.12 -30.60
N HIS B 81 7.24 -9.30 -29.64
CA HIS B 81 8.00 -8.20 -29.06
C HIS B 81 9.36 -8.70 -28.54
N ALA B 82 10.48 -8.13 -28.97
CA ALA B 82 10.63 -7.04 -29.94
C ALA B 82 11.82 -7.52 -30.78
N LEU B 83 11.81 -7.22 -32.07
CA LEU B 83 12.85 -7.70 -32.98
C LEU B 83 14.20 -6.99 -33.07
N ALA B 84 14.17 -5.67 -33.08
CA ALA B 84 15.40 -4.91 -33.19
C ALA B 84 15.37 -3.65 -32.33
N TRP B 85 16.13 -3.67 -31.26
CA TRP B 85 16.22 -2.52 -30.38
C TRP B 85 17.48 -2.59 -29.52
N HIS B 86 17.75 -1.50 -28.82
CA HIS B 86 18.95 -1.38 -28.00
C HIS B 86 19.00 -2.16 -26.70
N SER B 87 17.84 -2.49 -26.15
CA SER B 87 17.78 -3.16 -24.86
C SER B 87 17.72 -4.68 -24.86
N GLN B 88 18.25 -5.26 -23.79
CA GLN B 88 18.27 -6.71 -23.61
C GLN B 88 18.88 -7.48 -24.77
N GLN B 89 19.95 -6.92 -25.33
CA GLN B 89 20.66 -7.58 -26.42
C GLN B 89 21.60 -8.61 -25.79
N PRO B 90 21.80 -9.75 -26.45
CA PRO B 90 22.72 -10.74 -25.88
C PRO B 90 24.13 -10.18 -26.00
N GLY B 91 25.04 -10.66 -25.16
CA GLY B 91 26.41 -10.18 -25.20
C GLY B 91 27.05 -10.14 -26.57
N TRP B 92 26.85 -11.19 -27.36
CA TRP B 92 27.47 -11.23 -28.68
C TRP B 92 27.01 -10.10 -29.61
N MET B 93 25.79 -9.61 -29.42
CA MET B 93 25.30 -8.52 -30.25
C MET B 93 25.78 -7.17 -29.70
N GLN B 94 25.91 -7.08 -28.38
CA GLN B 94 26.38 -5.84 -27.77
C GLN B 94 27.79 -5.52 -28.28
N SER B 95 28.53 -6.57 -28.63
CA SER B 95 29.89 -6.42 -29.12
C SER B 95 29.99 -6.02 -30.59
N LEU B 96 28.85 -5.99 -31.28
CA LEU B 96 28.82 -5.65 -32.70
C LEU B 96 28.56 -4.18 -33.02
N SER B 97 29.08 -3.75 -34.16
CA SER B 97 28.91 -2.38 -34.62
C SER B 97 28.99 -2.35 -36.14
N GLY B 98 28.62 -1.21 -36.73
CA GLY B 98 28.69 -1.05 -38.17
C GLY B 98 27.94 -2.09 -38.99
N SER B 99 28.50 -2.42 -40.15
CA SER B 99 27.87 -3.37 -41.06
C SER B 99 27.67 -4.75 -40.46
N THR B 100 28.57 -5.18 -39.59
CA THR B 100 28.44 -6.50 -38.99
C THR B 100 27.20 -6.53 -38.11
N LEU B 101 26.94 -5.45 -37.38
CA LEU B 101 25.76 -5.39 -36.53
C LEU B 101 24.51 -5.28 -37.41
N ARG B 102 24.60 -4.47 -38.46
CA ARG B 102 23.48 -4.29 -39.37
C ARG B 102 23.02 -5.62 -39.96
N GLN B 103 23.96 -6.45 -40.39
CA GLN B 103 23.57 -7.74 -40.96
C GLN B 103 23.03 -8.68 -39.88
N ALA B 104 23.62 -8.60 -38.69
CA ALA B 104 23.16 -9.43 -37.58
C ALA B 104 21.71 -9.07 -37.23
N MET B 105 21.39 -7.79 -37.35
CA MET B 105 20.04 -7.31 -37.06
C MET B 105 19.07 -7.92 -38.09
N ILE B 106 19.47 -7.86 -39.35
CA ILE B 106 18.67 -8.41 -40.44
C ILE B 106 18.50 -9.91 -40.27
N ASP B 107 19.60 -10.60 -39.96
CA ASP B 107 19.54 -12.05 -39.76
C ASP B 107 18.61 -12.42 -38.62
N HIS B 108 18.65 -11.63 -37.54
CA HIS B 108 17.82 -11.89 -36.39
C HIS B 108 16.34 -11.76 -36.73
N ILE B 109 15.99 -10.70 -37.43
CA ILE B 109 14.61 -10.47 -37.84
C ILE B 109 14.12 -11.64 -38.69
N ASN B 110 14.94 -12.06 -39.65
CA ASN B 110 14.56 -13.18 -40.50
C ASN B 110 14.38 -14.48 -39.73
N GLY B 111 15.29 -14.73 -38.80
CA GLY B 111 15.21 -15.97 -38.03
C GLY B 111 13.99 -16.07 -37.14
N VAL B 112 13.73 -15.02 -36.37
CA VAL B 112 12.59 -15.03 -35.47
C VAL B 112 11.25 -14.95 -36.19
N MET B 113 11.13 -14.05 -37.16
CA MET B 113 9.86 -13.95 -37.88
C MET B 113 9.58 -15.21 -38.69
N GLY B 114 10.65 -15.86 -39.16
CA GLY B 114 10.49 -17.08 -39.93
C GLY B 114 9.90 -18.18 -39.07
N HIS B 115 10.37 -18.30 -37.83
CA HIS B 115 9.88 -19.31 -36.92
C HIS B 115 8.38 -19.14 -36.64
N TYR B 116 7.96 -17.88 -36.50
CA TYR B 116 6.56 -17.56 -36.19
C TYR B 116 5.76 -17.09 -37.40
N LYS B 117 6.28 -17.33 -38.60
CA LYS B 117 5.61 -16.86 -39.81
C LYS B 117 4.12 -17.20 -39.90
N GLY B 118 3.31 -16.16 -40.10
CA GLY B 118 1.88 -16.31 -40.22
C GLY B 118 1.09 -16.56 -38.95
N LYS B 119 1.76 -16.58 -37.81
CA LYS B 119 1.08 -16.84 -36.54
C LYS B 119 1.07 -15.64 -35.59
N ILE B 120 1.60 -14.50 -36.04
CA ILE B 120 1.67 -13.30 -35.22
C ILE B 120 0.82 -12.15 -35.75
N ALA B 121 -0.08 -11.62 -34.93
CA ALA B 121 -0.95 -10.52 -35.33
C ALA B 121 -0.18 -9.22 -35.57
N GLN B 122 0.71 -8.89 -34.64
CA GLN B 122 1.52 -7.67 -34.72
C GLN B 122 2.91 -7.96 -34.22
N TRP B 123 3.90 -7.33 -34.83
CA TRP B 123 5.29 -7.46 -34.40
C TRP B 123 5.82 -6.06 -34.08
N ASP B 124 6.42 -5.89 -32.92
CA ASP B 124 7.06 -4.63 -32.60
C ASP B 124 8.42 -4.88 -33.25
N VAL B 125 8.58 -4.39 -34.48
CA VAL B 125 9.82 -4.58 -35.21
C VAL B 125 10.96 -3.82 -34.57
N VAL B 126 10.70 -2.56 -34.25
CA VAL B 126 11.68 -1.72 -33.60
C VAL B 126 10.99 -1.06 -32.41
N SER B 127 11.73 -0.86 -31.32
CA SER B 127 11.15 -0.26 -30.12
C SER B 127 12.16 0.62 -29.40
N HIS B 128 11.64 1.63 -28.70
CA HIS B 128 12.47 2.53 -27.89
C HIS B 128 13.65 3.16 -28.63
N ALA B 129 13.46 3.54 -29.89
CA ALA B 129 14.55 4.11 -30.68
C ALA B 129 14.75 5.61 -30.58
N PHE B 130 13.85 6.33 -29.91
CA PHE B 130 14.03 7.77 -29.79
C PHE B 130 14.52 8.19 -28.41
N SER B 131 15.17 9.34 -28.35
CA SER B 131 15.73 9.86 -27.11
C SER B 131 14.75 10.66 -26.26
N ASP B 132 15.04 10.74 -24.97
CA ASP B 132 14.21 11.50 -24.03
C ASP B 132 14.86 12.84 -23.70
N ASP B 133 15.99 13.15 -24.36
CA ASP B 133 16.69 14.40 -24.07
C ASP B 133 16.01 15.70 -24.50
N GLY B 134 14.86 15.60 -25.15
CA GLY B 134 14.14 16.79 -25.57
C GLY B 134 14.42 17.28 -26.97
N SER B 135 15.36 16.66 -27.66
CA SER B 135 15.73 17.05 -29.02
C SER B 135 14.80 16.41 -30.05
N GLY B 136 14.07 15.38 -29.63
CA GLY B 136 13.17 14.69 -30.53
C GLY B 136 13.92 13.85 -31.53
N GLY B 137 15.19 13.57 -31.21
CA GLY B 137 16.02 12.76 -32.10
C GLY B 137 16.17 11.32 -31.67
N ARG B 138 17.06 10.60 -32.35
CA ARG B 138 17.30 9.18 -32.08
C ARG B 138 18.16 8.90 -30.84
N ARG B 139 17.86 7.78 -30.19
CA ARG B 139 18.61 7.32 -29.04
C ARG B 139 19.95 6.84 -29.56
N ASP B 140 21.03 7.09 -28.82
CA ASP B 140 22.35 6.66 -29.25
C ASP B 140 22.57 5.21 -28.81
N SER B 141 22.59 4.30 -29.77
CA SER B 141 22.78 2.88 -29.51
C SER B 141 23.65 2.31 -30.61
N ASN B 142 24.12 1.08 -30.44
CA ASN B 142 24.95 0.50 -31.48
C ASN B 142 24.17 0.42 -32.79
N LEU B 143 22.86 0.17 -32.69
CA LEU B 143 22.02 0.11 -33.89
C LEU B 143 21.96 1.45 -34.61
N GLN B 144 21.68 2.53 -33.88
CA GLN B 144 21.60 3.86 -34.48
C GLN B 144 22.94 4.22 -35.11
N ARG B 145 24.03 3.79 -34.48
CA ARG B 145 25.35 4.09 -35.01
C ARG B 145 25.67 3.36 -36.33
N THR B 146 24.84 2.39 -36.72
CA THR B 146 25.07 1.69 -37.98
C THR B 146 24.58 2.57 -39.13
N GLY B 147 23.76 3.56 -38.79
CA GLY B 147 23.21 4.45 -39.80
C GLY B 147 21.76 4.77 -39.48
N ASN B 148 21.37 6.01 -39.74
CA ASN B 148 20.00 6.45 -39.45
C ASN B 148 18.92 5.60 -40.11
N ASP B 149 19.29 4.93 -41.20
CA ASP B 149 18.35 4.10 -41.94
C ASP B 149 18.12 2.70 -41.34
N TRP B 150 18.68 2.43 -40.17
CA TRP B 150 18.51 1.10 -39.59
C TRP B 150 17.07 0.72 -39.31
N ILE B 151 16.26 1.68 -38.89
CA ILE B 151 14.86 1.40 -38.60
C ILE B 151 14.14 1.03 -39.90
N GLU B 152 14.34 1.83 -40.94
CA GLU B 152 13.73 1.57 -42.23
C GLU B 152 14.12 0.18 -42.74
N VAL B 153 15.41 -0.15 -42.63
CA VAL B 153 15.88 -1.46 -43.08
C VAL B 153 15.22 -2.59 -42.29
N ALA B 154 15.04 -2.38 -40.98
CA ALA B 154 14.39 -3.39 -40.15
C ALA B 154 12.96 -3.65 -40.63
N PHE B 155 12.24 -2.58 -40.93
CA PHE B 155 10.87 -2.74 -41.39
C PHE B 155 10.79 -3.40 -42.77
N ARG B 156 11.68 -3.01 -43.68
CA ARG B 156 11.66 -3.63 -45.01
C ARG B 156 11.98 -5.12 -44.87
N THR B 157 12.89 -5.46 -43.97
CA THR B 157 13.25 -6.85 -43.75
C THR B 157 12.07 -7.64 -43.19
N ALA B 158 11.39 -7.05 -42.20
CA ALA B 158 10.25 -7.68 -41.56
C ALA B 158 9.10 -7.98 -42.53
N ARG B 159 8.76 -7.01 -43.38
CA ARG B 159 7.68 -7.19 -44.34
C ARG B 159 7.92 -8.42 -45.22
N ALA B 160 9.14 -8.56 -45.70
CA ALA B 160 9.49 -9.68 -46.55
C ALA B 160 9.48 -11.01 -45.79
N ALA B 161 9.90 -10.97 -44.52
CA ALA B 161 9.96 -12.18 -43.70
C ALA B 161 8.58 -12.76 -43.39
N ASP B 162 7.60 -11.90 -43.15
CA ASP B 162 6.24 -12.35 -42.86
C ASP B 162 5.26 -11.25 -43.26
N PRO B 163 4.77 -11.30 -44.51
CA PRO B 163 3.82 -10.31 -45.04
C PRO B 163 2.46 -10.29 -44.34
N ALA B 164 2.18 -11.30 -43.53
CA ALA B 164 0.90 -11.39 -42.84
C ALA B 164 0.82 -10.64 -41.52
N ALA B 165 1.97 -10.32 -40.95
CA ALA B 165 1.98 -9.61 -39.67
C ALA B 165 1.92 -8.10 -39.82
N LYS B 166 1.21 -7.44 -38.91
CA LYS B 166 1.18 -5.99 -38.94
C LYS B 166 2.49 -5.59 -38.29
N LEU B 167 3.20 -4.65 -38.91
CA LEU B 167 4.49 -4.20 -38.40
C LEU B 167 4.36 -2.91 -37.62
N CYS B 168 4.74 -2.93 -36.34
CA CYS B 168 4.65 -1.76 -35.49
C CYS B 168 5.97 -1.17 -35.03
N TYR B 169 5.95 0.13 -34.80
CA TYR B 169 7.10 0.82 -34.22
C TYR B 169 6.55 1.12 -32.82
N ASN B 170 7.28 0.72 -31.79
CA ASN B 170 6.84 0.92 -30.41
C ASN B 170 7.76 1.86 -29.62
N ASP B 171 7.18 2.68 -28.74
CA ASP B 171 8.00 3.58 -27.91
C ASP B 171 7.20 4.12 -26.73
N TYR B 172 7.89 4.77 -25.80
CA TYR B 172 7.27 5.34 -24.61
C TYR B 172 7.51 6.84 -24.57
N ASN B 173 6.76 7.55 -23.73
CA ASN B 173 6.89 8.99 -23.63
C ASN B 173 6.58 9.64 -24.97
N ILE B 174 5.68 9.01 -25.72
CA ILE B 174 5.24 9.54 -27.00
C ILE B 174 3.72 9.65 -26.98
N GLU B 175 3.15 9.70 -25.78
CA GLU B 175 1.71 9.80 -25.61
C GLU B 175 1.23 11.25 -25.57
N ASN B 176 2.01 12.12 -24.93
CA ASN B 176 1.67 13.53 -24.85
C ASN B 176 2.08 14.18 -26.17
N TRP B 177 1.12 14.75 -26.88
CA TRP B 177 1.42 15.34 -28.17
C TRP B 177 2.48 16.45 -28.18
N THR B 178 2.52 17.24 -27.11
CA THR B 178 3.47 18.35 -27.03
C THR B 178 4.94 18.00 -26.89
N TRP B 179 5.25 16.76 -26.50
CA TRP B 179 6.64 16.37 -26.33
C TRP B 179 7.41 16.23 -27.64
N ALA B 180 8.67 16.64 -27.64
CA ALA B 180 9.51 16.56 -28.83
C ALA B 180 9.64 15.12 -29.32
N LYS B 181 9.69 14.17 -28.39
CA LYS B 181 9.83 12.76 -28.74
C LYS B 181 8.64 12.29 -29.59
N THR B 182 7.44 12.65 -29.16
CA THR B 182 6.22 12.27 -29.88
C THR B 182 6.27 12.76 -31.33
N GLN B 183 6.68 14.02 -31.51
CA GLN B 183 6.74 14.60 -32.83
C GLN B 183 7.88 14.05 -33.67
N GLY B 184 8.94 13.60 -33.02
CA GLY B 184 10.05 13.02 -33.76
C GLY B 184 9.60 11.69 -34.34
N VAL B 185 8.85 10.92 -33.55
CA VAL B 185 8.34 9.64 -34.00
C VAL B 185 7.32 9.88 -35.12
N TYR B 186 6.46 10.88 -34.93
CA TYR B 186 5.45 11.22 -35.94
C TYR B 186 6.13 11.54 -37.27
N ASN B 187 7.19 12.36 -37.21
CA ASN B 187 7.91 12.73 -38.43
C ASN B 187 8.49 11.51 -39.13
N MET B 188 9.02 10.57 -38.35
CA MET B 188 9.60 9.37 -38.94
C MET B 188 8.54 8.51 -39.62
N VAL B 189 7.42 8.27 -38.94
CA VAL B 189 6.36 7.46 -39.51
C VAL B 189 5.80 8.14 -40.76
N ARG B 190 5.67 9.47 -40.71
CA ARG B 190 5.16 10.21 -41.87
C ARG B 190 6.09 9.99 -43.05
N ASP B 191 7.40 10.14 -42.82
CA ASP B 191 8.40 9.94 -43.86
C ASP B 191 8.29 8.52 -44.44
N PHE B 192 8.20 7.54 -43.55
CA PHE B 192 8.07 6.14 -43.97
C PHE B 192 6.88 5.94 -44.90
N LYS B 193 5.71 6.42 -44.48
CA LYS B 193 4.50 6.28 -45.29
C LYS B 193 4.64 6.98 -46.63
N GLN B 194 5.24 8.17 -46.61
CA GLN B 194 5.41 8.93 -47.84
C GLN B 194 6.34 8.24 -48.84
N ARG B 195 7.35 7.55 -48.34
CA ARG B 195 8.30 6.86 -49.21
C ARG B 195 8.02 5.37 -49.44
N GLY B 196 6.92 4.88 -48.87
CA GLY B 196 6.58 3.48 -49.08
C GLY B 196 7.27 2.47 -48.17
N VAL B 197 7.87 2.93 -47.09
CA VAL B 197 8.52 2.02 -46.16
C VAL B 197 7.39 1.25 -45.49
N PRO B 198 7.48 -0.08 -45.44
CA PRO B 198 6.40 -0.85 -44.81
C PRO B 198 6.28 -0.74 -43.29
N ILE B 199 5.27 -0.01 -42.84
CA ILE B 199 4.98 0.15 -41.42
C ILE B 199 3.45 0.22 -41.35
N ASP B 200 2.88 -0.58 -40.47
CA ASP B 200 1.42 -0.66 -40.34
C ASP B 200 0.86 -0.14 -39.04
N CYS B 201 1.71 0.05 -38.04
CA CYS B 201 1.19 0.47 -36.75
C CYS B 201 2.23 1.14 -35.86
N VAL B 202 1.72 1.89 -34.89
CA VAL B 202 2.59 2.56 -33.93
C VAL B 202 2.07 2.16 -32.55
N GLY B 203 2.97 1.63 -31.73
CA GLY B 203 2.60 1.22 -30.40
C GLY B 203 2.98 2.26 -29.37
N PHE B 204 2.08 2.53 -28.44
CA PHE B 204 2.31 3.50 -27.37
C PHE B 204 2.40 2.74 -26.05
N GLN B 205 3.59 2.71 -25.47
CA GLN B 205 3.80 2.00 -24.20
C GLN B 205 2.73 2.36 -23.18
N SER B 206 2.48 3.65 -23.01
CA SER B 206 1.47 4.12 -22.07
C SER B 206 1.79 3.76 -20.62
N HIS B 207 3.02 4.07 -20.22
CA HIS B 207 3.51 3.84 -18.86
C HIS B 207 3.28 5.17 -18.15
N PHE B 208 2.17 5.26 -17.41
CA PHE B 208 1.82 6.51 -16.73
C PHE B 208 2.01 6.55 -15.22
N ASN B 209 2.63 7.64 -14.74
CA ASN B 209 2.86 7.85 -13.31
C ASN B 209 2.97 9.36 -13.10
N SER B 210 3.06 9.83 -11.86
CA SER B 210 3.10 11.27 -11.63
C SER B 210 4.36 11.92 -12.22
N GLY B 211 5.32 11.09 -12.62
CA GLY B 211 6.53 11.60 -13.24
C GLY B 211 6.33 11.79 -14.73
N SER B 212 5.40 11.02 -15.30
CA SER B 212 5.06 11.09 -16.71
C SER B 212 3.56 10.80 -16.76
N PRO B 213 2.75 11.80 -16.37
CA PRO B 213 1.30 11.72 -16.32
C PRO B 213 0.56 11.56 -17.65
N TYR B 214 -0.59 10.93 -17.55
CA TYR B 214 -1.45 10.75 -18.71
C TYR B 214 -1.96 12.15 -19.00
N ASN B 215 -2.11 12.49 -20.28
CA ASN B 215 -2.64 13.80 -20.67
C ASN B 215 -3.76 13.53 -21.65
N SER B 216 -4.85 14.28 -21.53
CA SER B 216 -5.99 14.08 -22.41
C SER B 216 -5.66 14.29 -23.89
N ASN B 217 -4.58 15.01 -24.20
CA ASN B 217 -4.25 15.22 -25.61
C ASN B 217 -3.74 13.93 -26.26
N PHE B 218 -3.72 12.85 -25.49
CA PHE B 218 -3.30 11.54 -25.99
C PHE B 218 -4.24 11.14 -27.12
N ARG B 219 -5.49 11.54 -27.02
CA ARG B 219 -6.45 11.20 -28.07
C ARG B 219 -6.06 11.89 -29.38
N THR B 220 -5.55 13.11 -29.30
CA THR B 220 -5.13 13.82 -30.51
C THR B 220 -3.87 13.16 -31.05
N THR B 221 -3.03 12.65 -30.15
CA THR B 221 -1.82 11.97 -30.58
C THR B 221 -2.22 10.74 -31.39
N LEU B 222 -3.13 9.93 -30.84
CA LEU B 222 -3.60 8.74 -31.52
C LEU B 222 -4.22 9.08 -32.87
N GLN B 223 -5.02 10.13 -32.88
CA GLN B 223 -5.68 10.59 -34.10
C GLN B 223 -4.68 11.06 -35.15
N ASN B 224 -3.65 11.78 -34.69
CA ASN B 224 -2.63 12.29 -35.61
C ASN B 224 -1.92 11.14 -36.29
N PHE B 225 -1.52 10.12 -35.53
CA PHE B 225 -0.85 8.98 -36.14
C PHE B 225 -1.80 8.21 -37.06
N ALA B 226 -3.04 8.02 -36.63
CA ALA B 226 -4.01 7.28 -37.44
C ALA B 226 -4.20 7.95 -38.80
N ALA B 227 -4.13 9.28 -38.82
CA ALA B 227 -4.31 10.04 -40.06
C ALA B 227 -3.17 9.81 -41.06
N LEU B 228 -2.06 9.27 -40.58
CA LEU B 228 -0.92 8.98 -41.44
C LEU B 228 -1.16 7.69 -42.21
N GLY B 229 -2.20 6.96 -41.84
CA GLY B 229 -2.51 5.72 -42.52
C GLY B 229 -1.97 4.48 -41.81
N VAL B 230 -1.76 4.59 -40.50
CA VAL B 230 -1.28 3.45 -39.73
C VAL B 230 -2.23 3.21 -38.58
N ASP B 231 -2.28 1.97 -38.09
CA ASP B 231 -3.13 1.65 -36.96
C ASP B 231 -2.32 2.05 -35.73
N VAL B 232 -2.99 2.14 -34.58
CA VAL B 232 -2.31 2.47 -33.33
C VAL B 232 -2.70 1.41 -32.30
N ALA B 233 -1.84 1.22 -31.31
CA ALA B 233 -2.12 0.24 -30.26
C ALA B 233 -1.49 0.67 -28.95
N ILE B 234 -2.21 0.45 -27.85
CA ILE B 234 -1.71 0.77 -26.52
C ILE B 234 -1.07 -0.56 -26.15
N THR B 235 0.26 -0.56 -26.06
CA THR B 235 1.03 -1.78 -25.86
C THR B 235 1.53 -2.24 -24.49
N GLU B 236 1.76 -1.32 -23.57
CA GLU B 236 2.29 -1.71 -22.26
C GLU B 236 1.64 -0.90 -21.15
N LEU B 237 0.34 -0.73 -21.25
CA LEU B 237 -0.37 0.07 -20.28
C LEU B 237 -0.30 -0.34 -18.81
N ASP B 238 0.07 0.64 -17.98
CA ASP B 238 0.05 0.50 -16.53
C ASP B 238 -0.03 1.91 -16.00
N ILE B 239 -0.80 2.09 -14.94
CA ILE B 239 -1.03 3.40 -14.36
C ILE B 239 -0.75 3.37 -12.86
N GLN B 240 0.16 4.24 -12.43
CA GLN B 240 0.53 4.34 -11.02
C GLN B 240 -0.67 4.50 -10.11
N GLY B 241 -0.84 3.56 -9.18
CA GLY B 241 -1.96 3.60 -8.27
C GLY B 241 -3.24 3.06 -8.87
N ALA B 242 -3.18 2.77 -10.17
CA ALA B 242 -4.34 2.23 -10.88
C ALA B 242 -5.59 3.11 -10.73
N SER B 243 -5.42 4.41 -10.92
CA SER B 243 -6.53 5.35 -10.84
C SER B 243 -7.66 4.89 -11.76
N SER B 244 -8.86 4.76 -11.23
CA SER B 244 -10.00 4.34 -12.03
C SER B 244 -10.33 5.32 -13.15
N SER B 245 -10.33 6.61 -12.84
CA SER B 245 -10.62 7.61 -13.86
C SER B 245 -9.58 7.61 -14.97
N THR B 246 -8.31 7.44 -14.61
CA THR B 246 -7.26 7.43 -15.62
C THR B 246 -7.33 6.18 -16.48
N TYR B 247 -7.61 5.03 -15.86
CA TYR B 247 -7.73 3.79 -16.63
C TYR B 247 -8.89 3.89 -17.59
N ALA B 248 -9.99 4.50 -17.15
CA ALA B 248 -11.16 4.66 -18.02
C ALA B 248 -10.87 5.65 -19.14
N ALA B 249 -10.14 6.72 -18.83
CA ALA B 249 -9.81 7.73 -19.83
C ALA B 249 -8.98 7.15 -20.96
N VAL B 250 -7.95 6.38 -20.61
CA VAL B 250 -7.09 5.77 -21.61
C VAL B 250 -7.89 4.81 -22.47
N THR B 251 -8.71 3.99 -21.81
CA THR B 251 -9.55 3.03 -22.51
C THR B 251 -10.48 3.75 -23.48
N ASN B 252 -11.06 4.86 -23.04
CA ASN B 252 -11.95 5.62 -23.90
C ASN B 252 -11.23 6.29 -25.07
N ASP B 253 -9.94 6.61 -24.89
CA ASP B 253 -9.18 7.22 -25.97
C ASP B 253 -9.05 6.21 -27.10
N CYS B 254 -8.78 4.96 -26.76
CA CYS B 254 -8.65 3.93 -27.78
C CYS B 254 -10.00 3.68 -28.45
N LEU B 255 -11.05 3.67 -27.64
CA LEU B 255 -12.40 3.45 -28.14
C LEU B 255 -12.88 4.57 -29.06
N ALA B 256 -12.28 5.75 -28.94
CA ALA B 256 -12.68 6.89 -29.76
C ALA B 256 -11.97 6.92 -31.12
N VAL B 257 -10.88 6.17 -31.23
CA VAL B 257 -10.10 6.14 -32.46
C VAL B 257 -10.33 4.83 -33.22
N SER B 258 -10.98 4.91 -34.37
CA SER B 258 -11.30 3.72 -35.16
C SER B 258 -10.11 2.82 -35.46
N ARG B 259 -8.93 3.43 -35.64
CA ARG B 259 -7.76 2.62 -35.95
C ARG B 259 -6.97 2.13 -34.73
N CYS B 260 -7.50 2.32 -33.53
CA CYS B 260 -6.84 1.81 -32.34
C CYS B 260 -7.28 0.34 -32.25
N LEU B 261 -6.35 -0.58 -32.48
CA LEU B 261 -6.62 -2.01 -32.50
C LEU B 261 -6.99 -2.63 -31.16
N GLY B 262 -6.47 -2.08 -30.08
CA GLY B 262 -6.76 -2.63 -28.78
C GLY B 262 -5.77 -2.14 -27.74
N ILE B 263 -5.95 -2.63 -26.52
CA ILE B 263 -5.11 -2.24 -25.40
C ILE B 263 -4.53 -3.45 -24.69
N THR B 264 -3.23 -3.37 -24.37
CA THR B 264 -2.55 -4.43 -23.63
C THR B 264 -2.04 -3.77 -22.34
N VAL B 265 -2.32 -4.38 -21.19
CA VAL B 265 -1.79 -3.86 -19.93
C VAL B 265 -0.54 -4.69 -19.67
N TRP B 266 0.50 -4.06 -19.13
CA TRP B 266 1.76 -4.77 -18.94
C TRP B 266 1.84 -5.66 -17.72
N GLY B 267 1.04 -6.72 -17.71
CA GLY B 267 1.04 -7.65 -16.60
C GLY B 267 -0.34 -8.04 -16.15
N VAL B 268 -0.42 -9.08 -15.33
CA VAL B 268 -1.70 -9.59 -14.82
C VAL B 268 -2.01 -8.99 -13.44
N ARG B 269 -1.25 -9.40 -12.42
CA ARG B 269 -1.46 -8.89 -11.06
C ARG B 269 -0.37 -7.88 -10.71
N ASP B 270 -0.66 -6.98 -9.78
CA ASP B 270 0.32 -5.98 -9.36
C ASP B 270 1.64 -6.64 -8.97
N THR B 271 1.56 -7.80 -8.33
CA THR B 271 2.75 -8.52 -7.90
C THR B 271 3.57 -9.07 -9.07
N ASP B 272 2.98 -9.10 -10.25
CA ASP B 272 3.66 -9.61 -11.45
C ASP B 272 4.30 -8.46 -12.23
N SER B 273 3.98 -7.24 -11.86
CA SER B 273 4.48 -6.04 -12.54
C SER B 273 5.96 -5.72 -12.38
N TRP B 274 6.53 -5.18 -13.45
CA TRP B 274 7.93 -4.77 -13.45
C TRP B 274 8.05 -3.52 -12.58
N ARG B 275 6.89 -2.96 -12.21
CA ARG B 275 6.84 -1.77 -11.35
C ARG B 275 5.79 -2.03 -10.28
N SER B 276 5.91 -3.16 -9.60
CA SER B 276 4.96 -3.56 -8.58
C SER B 276 4.73 -2.54 -7.47
N GLY B 277 5.76 -1.76 -7.16
CA GLY B 277 5.64 -0.75 -6.11
C GLY B 277 4.60 0.30 -6.43
N ASP B 278 4.27 0.44 -7.71
CA ASP B 278 3.28 1.42 -8.12
C ASP B 278 1.89 0.81 -8.31
N THR B 279 1.71 -0.45 -7.84
CA THR B 279 0.43 -1.18 -7.95
C THR B 279 -0.35 -0.61 -9.13
N PRO B 280 0.24 -0.69 -10.33
CA PRO B 280 -0.32 -0.19 -11.58
C PRO B 280 -1.21 -1.03 -12.46
N LEU B 281 -1.57 -2.24 -12.04
CA LEU B 281 -2.39 -3.10 -12.88
C LEU B 281 -3.84 -3.24 -12.41
N LEU B 282 -4.58 -4.13 -13.07
CA LEU B 282 -6.00 -4.30 -12.76
C LEU B 282 -6.39 -5.36 -11.73
N PHE B 283 -5.43 -6.19 -11.33
CA PHE B 283 -5.69 -7.23 -10.33
C PHE B 283 -4.68 -7.12 -9.21
N ASN B 284 -5.13 -7.39 -7.98
CA ASN B 284 -4.27 -7.34 -6.80
C ASN B 284 -3.41 -8.59 -6.68
N GLY B 285 -2.51 -8.56 -5.70
CA GLY B 285 -1.64 -9.70 -5.47
C GLY B 285 -2.41 -10.97 -5.19
N ASP B 286 -3.55 -10.86 -4.49
CA ASP B 286 -4.32 -12.06 -4.21
C ASP B 286 -5.24 -12.41 -5.37
N GLY B 287 -5.06 -11.73 -6.50
CA GLY B 287 -5.85 -12.01 -7.68
C GLY B 287 -7.25 -11.42 -7.76
N SER B 288 -7.57 -10.48 -6.88
CA SER B 288 -8.90 -9.88 -6.91
C SER B 288 -8.98 -8.70 -7.87
N LYS B 289 -10.15 -8.51 -8.46
CA LYS B 289 -10.38 -7.41 -9.38
C LYS B 289 -10.37 -6.10 -8.60
N LYS B 290 -9.57 -5.14 -9.05
CA LYS B 290 -9.49 -3.85 -8.38
C LYS B 290 -10.61 -2.94 -8.89
N ALA B 291 -10.79 -1.81 -8.22
CA ALA B 291 -11.83 -0.86 -8.63
C ALA B 291 -11.58 -0.45 -10.08
N ALA B 292 -10.31 -0.33 -10.46
CA ALA B 292 -9.94 0.06 -11.81
C ALA B 292 -10.40 -0.97 -12.84
N TYR B 293 -10.44 -2.25 -12.45
CA TYR B 293 -10.88 -3.28 -13.37
C TYR B 293 -12.31 -2.99 -13.82
N THR B 294 -13.17 -2.67 -12.87
CA THR B 294 -14.57 -2.38 -13.17
C THR B 294 -14.69 -1.13 -14.03
N ALA B 295 -13.82 -0.15 -13.79
CA ALA B 295 -13.83 1.09 -14.55
C ALA B 295 -13.50 0.80 -16.02
N VAL B 296 -12.54 -0.08 -16.25
CA VAL B 296 -12.15 -0.45 -17.61
C VAL B 296 -13.25 -1.26 -18.28
N LEU B 297 -13.77 -2.26 -17.57
CA LEU B 297 -14.82 -3.10 -18.14
C LEU B 297 -16.03 -2.24 -18.51
N ASN B 298 -16.41 -1.32 -17.62
CA ASN B 298 -17.54 -0.43 -17.88
C ASN B 298 -17.31 0.40 -19.14
N ALA B 299 -16.11 0.95 -19.27
CA ALA B 299 -15.76 1.77 -20.43
C ALA B 299 -15.85 0.95 -21.72
N LEU B 300 -15.29 -0.26 -21.71
CA LEU B 300 -15.33 -1.12 -22.88
C LEU B 300 -16.78 -1.44 -23.26
N ASN B 301 -17.63 -1.61 -22.24
CA ASN B 301 -19.03 -1.93 -22.46
C ASN B 301 -19.89 -0.73 -22.84
N GLY B 302 -19.27 0.43 -23.02
CA GLY B 302 -20.03 1.61 -23.41
C GLY B 302 -20.14 2.71 -22.38
N GLY B 303 -19.83 2.40 -21.12
CA GLY B 303 -19.92 3.39 -20.07
C GLY B 303 -21.32 3.58 -19.54
N GLY B 313 -22.93 11.66 -2.57
CA GLY B 313 -24.37 11.33 -2.79
C GLY B 313 -24.85 10.18 -1.95
N GLN B 314 -26.15 9.92 -1.97
CA GLN B 314 -26.74 8.84 -1.20
C GLN B 314 -26.67 7.51 -1.94
N ILE B 315 -26.73 6.42 -1.19
CA ILE B 315 -26.72 5.08 -1.77
C ILE B 315 -27.96 4.37 -1.24
N LYS B 316 -28.99 4.34 -2.07
CA LYS B 316 -30.27 3.73 -1.70
C LYS B 316 -30.36 2.24 -2.00
N GLY B 317 -30.91 1.49 -1.07
CA GLY B 317 -31.07 0.07 -1.26
C GLY B 317 -32.37 -0.21 -2.00
N VAL B 318 -32.29 -0.99 -3.07
CA VAL B 318 -33.48 -1.32 -3.84
C VAL B 318 -34.36 -2.26 -3.03
N GLY B 319 -35.65 -1.94 -2.95
CA GLY B 319 -36.55 -2.77 -2.18
C GLY B 319 -36.87 -2.14 -0.84
N SER B 320 -35.84 -1.79 -0.09
CA SER B 320 -36.04 -1.15 1.22
C SER B 320 -36.34 0.32 0.98
N GLY B 321 -35.70 0.89 -0.04
CA GLY B 321 -35.90 2.29 -0.35
C GLY B 321 -35.20 3.19 0.65
N ARG B 322 -34.39 2.59 1.52
CA ARG B 322 -33.66 3.35 2.53
C ARG B 322 -32.21 3.55 2.11
N CYS B 323 -31.57 4.55 2.69
CA CYS B 323 -30.19 4.89 2.36
C CYS B 323 -29.13 4.39 3.34
N LEU B 324 -27.94 4.11 2.82
CA LEU B 324 -26.82 3.65 3.64
C LEU B 324 -26.59 4.79 4.62
N ASP B 325 -26.66 4.49 5.92
CA ASP B 325 -26.53 5.51 6.94
C ASP B 325 -25.64 5.15 8.12
N VAL B 326 -24.89 6.13 8.61
CA VAL B 326 -24.02 5.93 9.77
C VAL B 326 -24.86 6.34 10.98
N PRO B 327 -25.20 5.38 11.85
CA PRO B 327 -26.01 5.60 13.06
C PRO B 327 -25.71 6.87 13.86
N ASN B 328 -26.73 7.70 14.04
CA ASN B 328 -26.61 8.93 14.81
C ASN B 328 -25.53 9.88 14.33
N ALA B 329 -25.12 9.73 13.07
CA ALA B 329 -24.09 10.59 12.50
C ALA B 329 -22.79 10.46 13.29
N SER B 330 -22.55 9.27 13.84
CA SER B 330 -21.34 9.01 14.62
C SER B 330 -20.12 9.01 13.70
N THR B 331 -18.97 9.39 14.26
CA THR B 331 -17.72 9.40 13.49
C THR B 331 -16.74 8.43 14.14
N THR B 332 -17.25 7.66 15.10
CA THR B 332 -16.45 6.67 15.83
C THR B 332 -16.08 5.44 14.99
N ASP B 333 -14.80 5.13 14.93
CA ASP B 333 -14.35 3.95 14.19
C ASP B 333 -14.98 2.69 14.76
N GLY B 334 -15.47 1.83 13.86
CA GLY B 334 -16.08 0.59 14.32
C GLY B 334 -17.60 0.66 14.35
N THR B 335 -18.16 1.80 13.97
CA THR B 335 -19.61 1.96 13.96
C THR B 335 -20.18 1.27 12.73
N GLN B 336 -21.00 0.25 12.95
CA GLN B 336 -21.60 -0.49 11.85
C GLN B 336 -22.66 0.37 11.16
N VAL B 337 -22.64 0.34 9.83
CA VAL B 337 -23.59 1.13 9.05
C VAL B 337 -24.95 0.44 8.97
N GLN B 338 -25.98 1.21 8.64
CA GLN B 338 -27.34 0.68 8.59
C GLN B 338 -28.16 1.32 7.48
N LEU B 339 -29.41 0.88 7.37
CA LEU B 339 -30.36 1.42 6.40
C LEU B 339 -31.19 2.42 7.20
N TYR B 340 -31.53 3.54 6.59
CA TYR B 340 -32.34 4.53 7.28
C TYR B 340 -33.00 5.48 6.28
N ASP B 341 -34.12 6.07 6.69
CA ASP B 341 -34.85 6.99 5.84
C ASP B 341 -33.87 8.00 5.24
N CYS B 342 -33.90 8.12 3.92
CA CYS B 342 -33.01 9.04 3.23
C CYS B 342 -33.37 10.49 3.55
N HIS B 343 -32.34 11.29 3.85
CA HIS B 343 -32.53 12.70 4.15
C HIS B 343 -31.20 13.43 4.02
N SER B 344 -31.27 14.72 3.69
CA SER B 344 -30.07 15.53 3.52
C SER B 344 -29.22 15.57 4.80
N ALA B 345 -28.40 14.55 4.99
CA ALA B 345 -27.53 14.46 6.17
C ALA B 345 -26.15 13.97 5.77
N THR B 346 -25.14 14.45 6.49
CA THR B 346 -23.76 14.05 6.21
C THR B 346 -23.49 12.59 6.53
N ASN B 347 -24.15 12.06 7.55
CA ASN B 347 -23.96 10.65 7.92
C ASN B 347 -24.44 9.73 6.81
N GLN B 348 -24.81 10.35 5.70
CA GLN B 348 -25.22 9.64 4.50
C GLN B 348 -24.23 10.25 3.52
N GLN B 349 -24.65 10.60 2.31
CA GLN B 349 -23.72 11.21 1.37
C GLN B 349 -22.36 10.50 1.32
N TRP B 350 -22.23 9.55 0.42
CA TRP B 350 -21.00 8.81 0.27
C TRP B 350 -20.29 9.26 -1.01
N THR B 351 -18.96 9.23 -0.98
CA THR B 351 -18.17 9.64 -2.13
C THR B 351 -17.29 8.48 -2.60
N TYR B 352 -17.44 8.11 -3.86
CA TYR B 352 -16.64 7.03 -4.43
C TYR B 352 -15.37 7.65 -4.99
N THR B 353 -14.22 7.24 -4.46
CA THR B 353 -12.95 7.81 -4.90
C THR B 353 -12.28 7.01 -6.02
N ASP B 354 -11.24 7.61 -6.59
CA ASP B 354 -10.48 6.98 -7.67
C ASP B 354 -9.80 5.71 -7.19
N ALA B 355 -9.55 5.63 -5.89
CA ALA B 355 -8.90 4.45 -5.30
C ALA B 355 -9.92 3.34 -5.03
N GLY B 356 -11.20 3.65 -5.19
CA GLY B 356 -12.23 2.67 -4.97
C GLY B 356 -12.85 2.66 -3.58
N GLU B 357 -12.64 3.71 -2.83
CA GLU B 357 -13.20 3.80 -1.48
C GLU B 357 -14.58 4.44 -1.54
N LEU B 358 -15.35 4.24 -0.47
CA LEU B 358 -16.66 4.85 -0.32
C LEU B 358 -16.47 5.65 0.97
N ARG B 359 -16.16 6.93 0.80
CA ARG B 359 -15.90 7.82 1.92
C ARG B 359 -17.09 8.57 2.46
N VAL B 360 -17.03 8.89 3.75
CA VAL B 360 -18.07 9.64 4.44
C VAL B 360 -17.33 10.53 5.43
N TYR B 361 -17.85 11.74 5.64
CA TYR B 361 -17.23 12.70 6.56
C TYR B 361 -15.89 13.20 6.05
N GLY B 362 -15.50 12.77 4.85
CA GLY B 362 -14.24 13.22 4.30
C GLY B 362 -13.04 12.29 4.49
N ASP B 363 -12.86 11.75 5.69
CA ASP B 363 -11.72 10.88 5.94
C ASP B 363 -12.08 9.53 6.57
N LYS B 364 -13.36 9.17 6.56
CA LYS B 364 -13.80 7.89 7.08
C LYS B 364 -14.12 7.01 5.87
N CYS B 365 -13.85 5.71 5.98
CA CYS B 365 -14.07 4.80 4.87
C CYS B 365 -15.02 3.63 5.18
N LEU B 366 -15.84 3.26 4.20
CA LEU B 366 -16.73 2.11 4.38
C LEU B 366 -15.70 0.99 4.58
N ASP B 367 -15.81 0.28 5.68
CA ASP B 367 -14.81 -0.72 6.04
C ASP B 367 -15.37 -2.11 6.39
N ALA B 368 -14.74 -3.14 5.85
CA ALA B 368 -15.16 -4.52 6.14
C ALA B 368 -14.22 -5.13 7.18
N ALA B 369 -14.76 -5.50 8.33
CA ALA B 369 -13.98 -6.09 9.40
C ALA B 369 -13.89 -7.61 9.25
N GLY B 370 -13.34 -8.06 8.13
CA GLY B 370 -13.23 -9.49 7.88
C GLY B 370 -13.50 -9.79 6.42
N THR B 371 -13.53 -11.09 6.06
CA THR B 371 -13.76 -11.49 4.68
C THR B 371 -14.84 -12.53 4.44
N GLY B 372 -15.45 -13.05 5.51
CA GLY B 372 -16.48 -14.06 5.34
C GLY B 372 -17.90 -13.54 5.43
N ASN B 373 -18.87 -14.40 5.14
CA ASN B 373 -20.27 -13.99 5.22
C ASN B 373 -20.59 -13.54 6.63
N GLY B 374 -21.42 -12.50 6.73
CA GLY B 374 -21.79 -11.99 8.04
C GLY B 374 -20.82 -10.94 8.56
N THR B 375 -19.75 -10.70 7.81
CA THR B 375 -18.77 -9.71 8.23
C THR B 375 -19.43 -8.35 8.37
N LYS B 376 -19.12 -7.69 9.48
CA LYS B 376 -19.67 -6.38 9.77
C LYS B 376 -19.07 -5.30 8.85
N VAL B 377 -19.94 -4.46 8.30
CA VAL B 377 -19.50 -3.37 7.44
C VAL B 377 -19.68 -2.11 8.28
N GLN B 378 -18.59 -1.37 8.46
CA GLN B 378 -18.59 -0.20 9.31
C GLN B 378 -17.79 0.95 8.72
N ILE B 379 -17.55 1.96 9.55
CA ILE B 379 -16.73 3.09 9.12
C ILE B 379 -15.42 2.98 9.90
N TYR B 380 -14.32 3.36 9.26
CA TYR B 380 -13.01 3.30 9.89
C TYR B 380 -12.13 4.30 9.16
N SER B 381 -11.09 4.78 9.82
CA SER B 381 -10.18 5.72 9.20
C SER B 381 -9.68 5.15 7.88
N CYS B 382 -9.64 5.98 6.84
CA CYS B 382 -9.16 5.53 5.54
C CYS B 382 -7.64 5.32 5.58
N TRP B 383 -7.18 4.19 5.05
CA TRP B 383 -5.74 3.92 5.03
C TRP B 383 -5.26 3.16 3.80
N GLY B 384 -6.19 2.79 2.92
CA GLY B 384 -5.82 2.08 1.71
C GLY B 384 -5.97 0.58 1.70
N GLY B 385 -6.49 0.00 2.78
CA GLY B 385 -6.66 -1.44 2.82
C GLY B 385 -7.66 -1.92 1.79
N ASP B 386 -7.46 -3.12 1.26
CA ASP B 386 -8.37 -3.67 0.25
C ASP B 386 -9.76 -3.93 0.84
N ASN B 387 -9.83 -3.98 2.17
CA ASN B 387 -11.11 -4.19 2.84
C ASN B 387 -11.86 -2.87 2.92
N GLN B 388 -11.30 -1.84 2.29
CA GLN B 388 -11.92 -0.52 2.25
C GLN B 388 -12.15 -0.14 0.79
N LYS B 389 -11.95 -1.10 -0.11
CA LYS B 389 -12.15 -0.84 -1.53
C LYS B 389 -13.37 -1.59 -2.03
N TRP B 390 -14.11 -0.95 -2.92
CA TRP B 390 -15.35 -1.54 -3.43
C TRP B 390 -15.51 -1.33 -4.93
N ARG B 391 -16.22 -2.25 -5.56
CA ARG B 391 -16.48 -2.17 -6.99
C ARG B 391 -17.99 -1.96 -7.16
N LEU B 392 -18.36 -0.93 -7.90
CA LEU B 392 -19.76 -0.62 -8.14
C LEU B 392 -20.17 -1.22 -9.50
N ASN B 393 -20.94 -2.29 -9.46
CA ASN B 393 -21.36 -2.96 -10.68
C ASN B 393 -22.62 -2.35 -11.28
N SER B 394 -22.78 -2.53 -12.59
CA SER B 394 -23.94 -1.98 -13.30
C SER B 394 -25.25 -2.64 -12.88
N ASP B 395 -25.16 -3.83 -12.29
CA ASP B 395 -26.36 -4.53 -11.86
C ASP B 395 -26.83 -4.01 -10.50
N GLY B 396 -26.11 -3.03 -9.97
CA GLY B 396 -26.46 -2.43 -8.70
C GLY B 396 -25.76 -3.00 -7.48
N SER B 397 -24.97 -4.05 -7.68
CA SER B 397 -24.25 -4.65 -6.56
C SER B 397 -22.98 -3.88 -6.24
N ILE B 398 -22.59 -3.92 -4.97
CA ILE B 398 -21.37 -3.26 -4.51
C ILE B 398 -20.55 -4.37 -3.87
N VAL B 399 -19.44 -4.72 -4.51
CA VAL B 399 -18.59 -5.81 -4.06
C VAL B 399 -17.29 -5.37 -3.39
N GLY B 400 -16.97 -6.00 -2.26
CA GLY B 400 -15.74 -5.68 -1.57
C GLY B 400 -14.57 -6.31 -2.31
N VAL B 401 -13.55 -5.52 -2.61
CA VAL B 401 -12.39 -6.03 -3.35
C VAL B 401 -11.69 -7.20 -2.65
N GLN B 402 -11.39 -7.04 -1.38
CA GLN B 402 -10.70 -8.09 -0.63
C GLN B 402 -11.52 -9.35 -0.42
N SER B 403 -12.80 -9.18 -0.11
CA SER B 403 -13.68 -10.31 0.17
C SER B 403 -14.37 -10.94 -1.04
N GLY B 404 -14.70 -10.12 -2.03
CA GLY B 404 -15.38 -10.62 -3.21
C GLY B 404 -16.86 -10.82 -2.86
N LEU B 405 -17.26 -10.29 -1.71
CA LEU B 405 -18.64 -10.40 -1.25
C LEU B 405 -19.43 -9.11 -1.46
N CYS B 406 -20.75 -9.23 -1.47
CA CYS B 406 -21.64 -8.10 -1.69
C CYS B 406 -22.13 -7.39 -0.43
N LEU B 407 -22.33 -6.07 -0.53
CA LEU B 407 -22.86 -5.30 0.58
C LEU B 407 -24.25 -5.89 0.73
N ASP B 408 -24.57 -6.35 1.94
CA ASP B 408 -25.85 -7.01 2.17
C ASP B 408 -26.64 -6.47 3.36
N ALA B 409 -27.93 -6.25 3.17
CA ALA B 409 -28.80 -5.77 4.25
C ALA B 409 -29.28 -7.03 4.98
N VAL B 410 -28.67 -7.29 6.13
CA VAL B 410 -28.96 -8.46 6.95
C VAL B 410 -30.41 -8.95 6.94
N GLY B 411 -30.56 -10.25 6.70
CA GLY B 411 -31.87 -10.88 6.67
C GLY B 411 -32.86 -10.27 5.71
N GLY B 412 -32.37 -9.44 4.79
CA GLY B 412 -33.25 -8.80 3.84
C GLY B 412 -34.11 -7.75 4.51
N GLY B 413 -33.66 -7.27 5.67
CA GLY B 413 -34.40 -6.26 6.40
C GLY B 413 -34.56 -5.00 5.57
N THR B 414 -35.66 -4.28 5.80
CA THR B 414 -35.91 -3.05 5.05
C THR B 414 -36.25 -1.87 5.95
N ALA B 415 -36.45 -2.13 7.24
CA ALA B 415 -36.79 -1.08 8.18
C ALA B 415 -35.55 -0.35 8.69
N ASN B 416 -35.75 0.82 9.29
CA ASN B 416 -34.65 1.59 9.84
C ASN B 416 -33.95 0.74 10.88
N GLY B 417 -32.62 0.78 10.90
CA GLY B 417 -31.88 0.00 11.86
C GLY B 417 -31.32 -1.28 11.29
N THR B 418 -31.78 -1.65 10.10
CA THR B 418 -31.30 -2.86 9.46
C THR B 418 -29.80 -2.70 9.25
N LEU B 419 -29.02 -3.63 9.79
CA LEU B 419 -27.56 -3.57 9.67
C LEU B 419 -27.05 -4.03 8.32
N ILE B 420 -25.86 -3.54 7.95
CA ILE B 420 -25.24 -3.88 6.68
C ILE B 420 -24.07 -4.83 6.95
N GLN B 421 -23.94 -5.86 6.11
CA GLN B 421 -22.89 -6.85 6.26
C GLN B 421 -22.38 -7.30 4.90
N LEU B 422 -21.39 -8.18 4.90
CA LEU B 422 -20.86 -8.75 3.67
C LEU B 422 -21.55 -10.10 3.53
N TYR B 423 -21.84 -10.50 2.29
CA TYR B 423 -22.49 -11.79 2.08
C TYR B 423 -22.37 -12.20 0.62
N SER B 424 -22.28 -13.50 0.38
CA SER B 424 -22.17 -14.02 -0.98
C SER B 424 -23.20 -13.33 -1.86
N CYS B 425 -22.75 -12.80 -2.99
CA CYS B 425 -23.64 -12.11 -3.90
C CYS B 425 -24.73 -13.03 -4.42
N SER B 426 -25.96 -12.52 -4.46
CA SER B 426 -27.09 -13.30 -4.90
C SER B 426 -28.04 -12.52 -5.82
N ASN B 427 -27.69 -11.28 -6.11
CA ASN B 427 -28.52 -10.43 -6.95
C ASN B 427 -29.86 -10.13 -6.29
N GLY B 428 -29.91 -10.30 -4.97
CA GLY B 428 -31.13 -10.04 -4.24
C GLY B 428 -31.36 -8.54 -4.12
N SER B 429 -32.61 -8.13 -3.93
CA SER B 429 -32.94 -6.71 -3.81
C SER B 429 -32.23 -6.06 -2.62
N ASN B 430 -31.84 -6.86 -1.64
CA ASN B 430 -31.17 -6.34 -0.47
C ASN B 430 -29.67 -6.18 -0.70
N GLN B 431 -29.24 -6.50 -1.92
CA GLN B 431 -27.82 -6.38 -2.31
C GLN B 431 -27.72 -5.47 -3.53
N ARG B 432 -28.83 -4.83 -3.87
CA ARG B 432 -28.89 -3.93 -5.02
C ARG B 432 -29.00 -2.50 -4.51
N TRP B 433 -28.18 -1.61 -5.06
CA TRP B 433 -28.16 -0.22 -4.64
C TRP B 433 -28.18 0.75 -5.82
N THR B 434 -28.71 1.95 -5.60
CA THR B 434 -28.79 2.95 -6.65
C THR B 434 -28.25 4.32 -6.21
N ARG B 435 -27.93 5.16 -7.18
CA ARG B 435 -27.41 6.50 -6.91
C ARG B 435 -27.92 7.45 -8.00
N THR B 436 -28.63 8.53 -7.65
CA THR B 436 -28.98 8.94 -6.29
C THR B 436 -27.79 9.39 -5.45
#